data_7Y1F
#
_entry.id   7Y1F
#
_cell.length_a   1.00
_cell.length_b   1.00
_cell.length_c   1.00
_cell.angle_alpha   90.00
_cell.angle_beta   90.00
_cell.angle_gamma   90.00
#
_symmetry.space_group_name_H-M   'P 1'
#
loop_
_entity.id
_entity.type
_entity.pdbx_description
1 polymer 'Guanine nucleotide-binding protein G(i) subunit alpha-1'
2 polymer Dynorphin
3 polymer 'Kappa-type opioid receptor'
4 polymer 'Guanine nucleotide-binding protein G(I)/G(S)/G(T) subunit beta-1'
5 polymer 'Guanine nucleotide-binding protein G(I)/G(S)/G(O) subunit gamma-2'
6 polymer scFv16
#
loop_
_entity_poly.entity_id
_entity_poly.type
_entity_poly.pdbx_seq_one_letter_code
_entity_poly.pdbx_strand_id
1 'polypeptide(L)'
;MGCTLSAEDKAAVERSKMIDRNLREDGEKAAREVKLLLLGAGESGKSTIVKQMKIIHEAGYSEEECKQYKAVVYSNTIQS
IIAIIRAMGRLKIDFGDSARADDARQLFVLAGAAEEGFMTAELAGVIKRLWKDSGVQACFNRSREYQLNDSAAYYLNDLD
RIAQPNYIPTQQDVLRTRVKTTGIVETHFTFKDLHFKMFDVGGQRSERKKWIHCFEGVTAIIFCVALSDYDLVLAEDEEM
NRMHESMKLFDSICNNKWFTDTSIILFLNKKDLFEEKIKKSPLTICYPEYAGSNTYEEAAAYIQCQFEDLNKRKDTKEIY
THFTCATDTKNVQFVFDAVTDVIIKNNLKDCGLF
;
A
2 'polypeptide(L)' YGGFLRRIRPKLK F
3 'polypeptide(L)'
;MKTIIALSYIFCLVFADYKDDDDAKLQTMHHHHHHHHHHENLYFQGGTADLEDNWETLNDNLKVIEKADNAAQVKDALTK
MRAAALDAQKATPPKLEDKSPDSPEMKDFRHGFDILVGQIDDALKLANEGKVKEAQAAAEQLKTTRNAYIQKYLEISPAI
PVIITAVYSVVFVVGLVGNSLVMFVIIRYTKMKTATNIYIFNLALADALVTTTMPFQSTVYLMNSWPFGDVLCKIVLSID
YYNMFTSIFTLTMMSVDRYIAVCHPVKALDFRTPLKAKIINICIWLLSSSVGISAIVLGGTKVREDVDVIECSLQFPDDD
YSWWDLFMKICVFIFAFVIPVLIIIVCYTLMILRLKSVRLLSGSREKDRNLRRITRLVLVVVAVFVVCWTPIHIFILVEA
LGSTSHSTAALSSYYFCIALGYTNSSLNPILYAFLDENFKRCFRDFCFPLKMRMERQSTS
;
R
4 'polypeptide(L)'
;MHHHHHHGSLLQSELDQLRQEAEQLKNQIRDARKACADATLSQITNNIDPVGRIQMRTRRTLRGHLAKIYAMHWGTDSRL
LVSASQDGKLIIWDSYTTNKVHAIPLRSSWVMTCAYAPSGNYVACGGLDNICSIYNLKTREGNVRVSRELAGHTGYLSCC
RFLDDNQIVTSSGDTTCALWDIETGQQTTTFTGHTGDVMSLSLAPDTRLFVSGACDASAKLWDVREGMCRQTFTGHESDI
NAICFFPNGNAFATGSDDATCRLFDLRADQELMTYSHDNIICGITSVSFSKSGRLLLAGYDDFNCNVWDALKADRAGVLA
GHDNRVSCLGVTDDGMAVATGSWDSFLKIWN
;
B
5 'polypeptide(L)' MASNNTASIAQARKLVEQLKMEANIDRIKVSKAAADLMAYCEAHAKEDPLLTPVPASENPFREKKFFC C
6 'polypeptide(L)'
;GSMLLVNQSHQGFNKEHTSKMVSAIVLYVLLAAAAHSAFADVQLVESGGGLVQPGGSRKLSCSASGFAFSSFGMHWVRQA
PEKGLEWVAYISSGSGTIYYADTVKGRFTISRDDPKNTLFLQMTSLRSEDTAMYYCVRSIYYYGSSPFDFWGQGTTLTVS
SGGGGSGGGGSGGGGSDIVMTQATSSVPVTPGESVSISCRSSKSLLHSNGNTYLYWFLQRPGQSPQLLIYRMSNLASGVP
DRFSGSGSGTAFTLTISRLEAEDVGVYYCMQHLEYPLTFGAGTKLELKAAAHHHHHHHH
;
E
#
# COMPACT_ATOMS: atom_id res chain seq x y z
N LEU A 5 19.04 9.89 -20.35
CA LEU A 5 18.59 9.03 -19.28
C LEU A 5 19.32 7.69 -19.32
N SER A 6 19.68 7.17 -18.15
CA SER A 6 20.42 5.91 -18.04
C SER A 6 19.43 4.76 -17.81
N ALA A 7 18.73 4.41 -18.88
CA ALA A 7 17.67 3.40 -18.84
C ALA A 7 17.65 2.63 -20.15
N GLU A 8 18.17 1.40 -20.13
CA GLU A 8 18.58 0.74 -21.37
C GLU A 8 17.80 -0.53 -21.64
N ASP A 9 17.91 -1.50 -20.74
CA ASP A 9 16.89 -2.52 -20.57
C ASP A 9 16.11 -2.28 -19.30
N LYS A 10 15.89 -1.02 -18.95
CA LYS A 10 15.05 -0.64 -17.83
C LYS A 10 13.63 -0.45 -18.33
N ALA A 11 13.15 -1.51 -18.98
CA ALA A 11 11.75 -1.89 -19.00
C ALA A 11 11.38 -2.60 -17.72
N ALA A 12 12.35 -2.76 -16.82
CA ALA A 12 12.04 -3.03 -15.41
C ALA A 12 11.19 -1.92 -14.84
N VAL A 13 11.47 -0.66 -15.21
CA VAL A 13 10.69 0.47 -14.70
C VAL A 13 9.27 0.43 -15.25
N GLU A 14 9.10 0.06 -16.51
CA GLU A 14 7.77 -0.07 -17.08
C GLU A 14 6.98 -1.18 -16.39
N ARG A 15 7.62 -2.30 -16.09
CA ARG A 15 6.97 -3.38 -15.36
C ARG A 15 6.63 -2.95 -13.94
N SER A 16 7.51 -2.18 -13.30
CA SER A 16 7.26 -1.70 -11.96
C SER A 16 6.07 -0.75 -11.93
N LYS A 17 5.95 0.12 -12.93
CA LYS A 17 4.78 1.00 -13.02
C LYS A 17 3.52 0.20 -13.28
N MET A 18 3.62 -0.86 -14.08
CA MET A 18 2.45 -1.69 -14.34
C MET A 18 2.00 -2.43 -13.10
N ILE A 19 2.96 -2.89 -12.30
CA ILE A 19 2.65 -3.49 -11.01
C ILE A 19 2.03 -2.48 -10.05
N ASP A 20 2.55 -1.24 -10.06
CA ASP A 20 1.92 -0.17 -9.28
C ASP A 20 0.46 0.04 -9.67
N ARG A 21 0.19 0.03 -10.99
CA ARG A 21 -1.18 0.22 -11.47
C ARG A 21 -2.09 -0.91 -11.00
N ASN A 22 -1.63 -2.15 -11.12
CA ASN A 22 -2.45 -3.28 -10.69
C ASN A 22 -2.65 -3.28 -9.17
N LEU A 23 -1.64 -2.84 -8.42
CA LEU A 23 -1.77 -2.72 -6.98
C LEU A 23 -2.81 -1.68 -6.60
N ARG A 24 -2.79 -0.52 -7.26
CA ARG A 24 -3.77 0.52 -6.96
C ARG A 24 -5.18 0.05 -7.28
N GLU A 25 -5.35 -0.65 -8.41
CA GLU A 25 -6.65 -1.18 -8.76
C GLU A 25 -7.14 -2.17 -7.70
N ASP A 26 -6.29 -3.13 -7.30
CA ASP A 26 -6.70 -4.12 -6.32
C ASP A 26 -6.95 -3.49 -4.96
N GLY A 27 -6.15 -2.51 -4.56
CA GLY A 27 -6.33 -1.87 -3.27
C GLY A 27 -7.61 -1.06 -3.18
N GLU A 28 -7.93 -0.32 -4.26
CA GLU A 28 -9.22 0.38 -4.29
C GLU A 28 -10.37 -0.59 -4.25
N LYS A 29 -10.29 -1.69 -5.01
CA LYS A 29 -11.35 -2.69 -5.01
C LYS A 29 -11.50 -3.34 -3.64
N ALA A 30 -10.40 -3.50 -2.91
CA ALA A 30 -10.47 -4.12 -1.60
C ALA A 30 -11.02 -3.15 -0.55
N ALA A 31 -10.64 -1.88 -0.61
CA ALA A 31 -11.12 -0.92 0.37
C ALA A 31 -12.55 -0.49 0.09
N ARG A 32 -13.07 -0.85 -1.10
CA ARG A 32 -14.49 -0.61 -1.38
C ARG A 32 -15.38 -1.56 -0.58
N GLU A 33 -14.81 -2.62 -0.02
CA GLU A 33 -15.61 -3.66 0.61
C GLU A 33 -15.69 -3.44 2.12
N VAL A 34 -16.51 -4.26 2.79
CA VAL A 34 -16.82 -4.11 4.20
C VAL A 34 -16.28 -5.31 4.97
N LYS A 35 -15.44 -5.04 5.98
CA LYS A 35 -14.82 -6.10 6.78
C LYS A 35 -15.52 -6.19 8.13
N LEU A 36 -16.07 -7.37 8.43
CA LEU A 36 -16.72 -7.64 9.71
C LEU A 36 -15.99 -8.74 10.45
N LEU A 37 -15.73 -8.53 11.72
CA LEU A 37 -15.05 -9.50 12.56
C LEU A 37 -16.08 -10.21 13.43
N LEU A 38 -16.37 -11.47 13.09
CA LEU A 38 -17.32 -12.28 13.86
C LEU A 38 -16.59 -12.83 15.08
N LEU A 39 -16.79 -12.19 16.23
CA LEU A 39 -16.01 -12.46 17.43
C LEU A 39 -16.83 -13.25 18.47
N GLY A 40 -17.90 -13.90 18.05
CA GLY A 40 -18.75 -14.59 19.00
C GLY A 40 -18.08 -15.82 19.57
N ALA A 41 -18.15 -15.96 20.90
CA ALA A 41 -17.43 -17.01 21.60
C ALA A 41 -18.09 -18.37 21.39
N GLY A 42 -17.48 -19.39 22.01
CA GLY A 42 -17.86 -20.76 21.72
C GLY A 42 -19.23 -21.11 22.27
N GLU A 43 -19.82 -22.14 21.68
CA GLU A 43 -21.17 -22.65 21.93
C GLU A 43 -22.24 -21.58 21.74
N SER A 44 -21.99 -20.56 20.94
CA SER A 44 -22.99 -19.58 20.54
C SER A 44 -23.58 -20.00 19.19
N GLY A 45 -24.32 -19.11 18.54
CA GLY A 45 -24.92 -19.44 17.26
C GLY A 45 -24.26 -18.76 16.09
N LYS A 46 -22.92 -18.63 16.13
CA LYS A 46 -22.19 -18.05 15.00
C LYS A 46 -22.37 -18.87 13.74
N SER A 47 -22.37 -20.20 13.89
CA SER A 47 -22.71 -21.09 12.78
C SER A 47 -24.12 -20.80 12.30
N THR A 48 -25.05 -20.53 13.22
CA THR A 48 -26.43 -20.29 12.82
C THR A 48 -26.55 -19.01 12.01
N ILE A 49 -25.87 -17.93 12.42
CA ILE A 49 -26.00 -16.70 11.65
C ILE A 49 -25.29 -16.83 10.31
N VAL A 50 -24.14 -17.51 10.25
CA VAL A 50 -23.44 -17.59 8.96
C VAL A 50 -24.24 -18.47 8.01
N LYS A 51 -25.04 -19.41 8.53
CA LYS A 51 -26.01 -20.07 7.68
C LYS A 51 -27.19 -19.14 7.36
N GLN A 52 -27.45 -18.14 8.21
CA GLN A 52 -28.53 -17.21 7.94
C GLN A 52 -28.14 -16.18 6.88
N MET A 53 -26.86 -15.80 6.81
CA MET A 53 -26.39 -15.04 5.67
C MET A 53 -26.43 -15.90 4.41
N LYS A 54 -26.30 -15.24 3.26
CA LYS A 54 -26.32 -15.97 1.99
C LYS A 54 -25.12 -16.87 1.85
N ILE A 55 -23.97 -16.45 2.39
CA ILE A 55 -22.71 -17.20 2.41
C ILE A 55 -22.25 -17.62 1.02
N THR A 182 -8.41 -23.22 7.38
CA THR A 182 -8.58 -24.05 8.56
C THR A 182 -8.40 -23.16 9.79
N GLY A 183 -7.71 -22.03 9.59
CA GLY A 183 -7.52 -21.06 10.64
C GLY A 183 -8.64 -20.05 10.63
N ILE A 184 -8.33 -18.80 10.25
CA ILE A 184 -9.39 -17.83 10.00
C ILE A 184 -10.30 -18.32 8.90
N VAL A 185 -11.60 -18.13 9.09
CA VAL A 185 -12.61 -18.51 8.11
C VAL A 185 -13.27 -17.23 7.62
N GLU A 186 -12.91 -16.81 6.40
CA GLU A 186 -13.45 -15.59 5.82
C GLU A 186 -14.65 -15.95 4.98
N THR A 187 -15.80 -15.39 5.32
CA THR A 187 -17.05 -15.63 4.62
C THR A 187 -17.49 -14.34 3.95
N HIS A 188 -17.76 -14.40 2.65
CA HIS A 188 -18.18 -13.24 1.89
C HIS A 188 -19.62 -13.42 1.45
N PHE A 189 -20.36 -12.31 1.36
CA PHE A 189 -21.74 -12.32 0.90
C PHE A 189 -22.13 -10.92 0.44
N THR A 190 -23.26 -10.85 -0.26
CA THR A 190 -23.73 -9.63 -0.90
C THR A 190 -25.12 -9.31 -0.39
N PHE A 191 -25.35 -8.04 -0.07
CA PHE A 191 -26.67 -7.58 0.33
C PHE A 191 -26.85 -6.12 -0.06
N LYS A 192 -27.81 -5.88 -0.96
CA LYS A 192 -28.18 -4.53 -1.42
C LYS A 192 -26.99 -3.78 -1.99
N ASP A 193 -26.32 -4.40 -2.98
CA ASP A 193 -25.17 -3.84 -3.69
C ASP A 193 -24.01 -3.51 -2.77
N LEU A 194 -23.88 -4.20 -1.64
CA LEU A 194 -22.79 -3.99 -0.70
C LEU A 194 -22.10 -5.32 -0.44
N HIS A 195 -20.79 -5.36 -0.69
CA HIS A 195 -20.03 -6.60 -0.57
C HIS A 195 -19.46 -6.69 0.85
N PHE A 196 -19.70 -7.83 1.48
CA PHE A 196 -19.29 -8.07 2.86
C PHE A 196 -18.21 -9.14 2.90
N LYS A 197 -17.40 -9.12 3.94
CA LYS A 197 -16.53 -10.24 4.28
C LYS A 197 -16.56 -10.42 5.80
N MET A 198 -16.71 -11.66 6.24
CA MET A 198 -16.92 -11.97 7.66
C MET A 198 -15.76 -12.81 8.13
N PHE A 199 -15.05 -12.33 9.15
CA PHE A 199 -13.80 -12.94 9.60
C PHE A 199 -14.07 -13.83 10.81
N ASP A 200 -14.68 -14.98 10.57
CA ASP A 200 -14.96 -15.93 11.63
C ASP A 200 -13.62 -16.50 12.09
N VAL A 201 -13.15 -16.05 13.24
CA VAL A 201 -11.83 -16.37 13.73
C VAL A 201 -11.90 -17.32 14.92
N GLY A 202 -12.96 -18.13 14.98
CA GLY A 202 -13.16 -18.99 16.14
C GLY A 202 -12.22 -20.18 16.18
N GLY A 203 -11.57 -20.48 15.05
CA GLY A 203 -10.65 -21.61 15.02
C GLY A 203 -9.36 -21.35 15.77
N GLN A 204 -9.01 -20.09 15.94
CA GLN A 204 -7.78 -19.74 16.64
C GLN A 204 -7.95 -19.88 18.14
N ARG A 205 -7.12 -20.72 18.76
CA ARG A 205 -7.10 -20.88 20.20
C ARG A 205 -5.93 -20.14 20.84
N SER A 206 -5.22 -19.32 20.08
CA SER A 206 -4.08 -18.59 20.60
C SER A 206 -4.53 -17.41 21.45
N GLU A 207 -3.55 -16.66 21.96
CA GLU A 207 -3.86 -15.45 22.71
C GLU A 207 -4.49 -14.42 21.79
N ARG A 208 -5.61 -13.84 22.22
CA ARG A 208 -6.32 -12.90 21.36
C ARG A 208 -5.59 -11.56 21.29
N LYS A 209 -4.65 -11.32 22.19
CA LYS A 209 -3.92 -10.05 22.18
C LYS A 209 -3.07 -9.92 20.92
N LYS A 210 -2.64 -11.04 20.35
CA LYS A 210 -1.58 -11.00 19.35
C LYS A 210 -2.13 -10.76 17.95
N TRP A 211 -3.30 -11.29 17.65
CA TRP A 211 -3.83 -11.23 16.30
C TRP A 211 -5.07 -10.39 16.18
N ILE A 212 -5.43 -9.61 17.20
CA ILE A 212 -6.64 -8.81 17.08
C ILE A 212 -6.31 -7.43 16.53
N HIS A 213 -5.06 -6.98 16.67
CA HIS A 213 -4.67 -5.70 16.10
C HIS A 213 -4.59 -5.77 14.59
N CYS A 214 -4.52 -6.98 14.05
CA CYS A 214 -4.70 -7.17 12.61
C CYS A 214 -6.08 -6.70 12.18
N PHE A 215 -7.08 -6.87 13.03
CA PHE A 215 -8.46 -6.63 12.65
C PHE A 215 -8.94 -5.22 12.93
N GLU A 216 -8.07 -4.30 13.28
CA GLU A 216 -8.52 -2.91 13.41
C GLU A 216 -8.88 -2.37 12.03
N GLY A 217 -9.76 -1.39 12.02
CA GLY A 217 -10.26 -0.88 10.77
C GLY A 217 -11.42 -1.64 10.19
N VAL A 218 -11.94 -2.65 10.89
CA VAL A 218 -13.20 -3.25 10.49
C VAL A 218 -14.32 -2.26 10.73
N THR A 219 -15.34 -2.31 9.88
CA THR A 219 -16.48 -1.43 10.07
C THR A 219 -17.25 -1.80 11.33
N ALA A 220 -17.56 -3.08 11.52
CA ALA A 220 -18.34 -3.50 12.68
C ALA A 220 -17.89 -4.89 13.13
N ILE A 221 -18.07 -5.14 14.41
CA ILE A 221 -17.81 -6.44 15.01
C ILE A 221 -19.14 -7.14 15.26
N ILE A 222 -19.48 -8.14 14.44
CA ILE A 222 -20.59 -9.00 14.80
C ILE A 222 -20.20 -9.80 16.03
N PHE A 223 -21.15 -10.02 16.91
CA PHE A 223 -20.90 -10.69 18.18
C PHE A 223 -22.12 -11.54 18.50
N CYS A 224 -21.92 -12.84 18.68
CA CYS A 224 -23.02 -13.72 19.07
C CYS A 224 -22.99 -13.94 20.56
N VAL A 225 -24.17 -13.98 21.17
CA VAL A 225 -24.37 -14.46 22.52
C VAL A 225 -25.56 -15.41 22.49
N ALA A 226 -25.37 -16.61 23.02
CA ALA A 226 -26.46 -17.54 23.21
C ALA A 226 -27.19 -17.13 24.48
N LEU A 227 -28.45 -16.73 24.34
CA LEU A 227 -29.21 -16.29 25.50
C LEU A 227 -29.45 -17.44 26.49
N SER A 228 -29.81 -18.61 25.98
CA SER A 228 -30.37 -19.64 26.85
C SER A 228 -29.33 -20.20 27.81
N ASP A 229 -28.44 -21.06 27.30
CA ASP A 229 -27.53 -21.95 28.02
C ASP A 229 -28.24 -23.01 28.86
N TYR A 230 -29.58 -22.91 29.00
CA TYR A 230 -30.47 -23.85 29.71
C TYR A 230 -30.24 -23.84 31.23
N ASP A 231 -29.21 -23.12 31.68
CA ASP A 231 -28.94 -22.95 33.10
C ASP A 231 -28.65 -21.50 33.45
N LEU A 232 -28.14 -20.73 32.49
CA LEU A 232 -27.93 -19.28 32.66
C LEU A 232 -29.16 -18.53 32.14
N VAL A 233 -30.27 -19.25 32.09
CA VAL A 233 -31.55 -18.69 31.72
C VAL A 233 -32.37 -18.56 32.99
N ASN A 241 -18.00 -21.51 37.26
CA ASN A 241 -18.94 -21.02 36.25
C ASN A 241 -18.77 -21.73 34.90
N ARG A 242 -18.32 -22.98 34.95
CA ARG A 242 -18.17 -23.76 33.72
C ARG A 242 -19.52 -24.21 33.18
N MET A 243 -20.59 -24.03 33.96
CA MET A 243 -21.89 -24.52 33.56
C MET A 243 -22.68 -23.43 32.85
N HIS A 244 -22.84 -22.28 33.50
CA HIS A 244 -23.74 -21.24 33.01
C HIS A 244 -23.03 -20.30 32.04
N GLU A 245 -22.17 -20.87 31.19
CA GLU A 245 -21.14 -20.15 30.45
C GLU A 245 -21.67 -18.96 29.67
N SER A 246 -22.88 -19.08 29.12
CA SER A 246 -23.27 -18.20 28.03
C SER A 246 -23.66 -16.79 28.45
N MET A 247 -23.58 -16.47 29.75
CA MET A 247 -23.76 -15.10 30.21
C MET A 247 -22.48 -14.51 30.76
N LYS A 248 -21.84 -15.17 31.73
CA LYS A 248 -20.74 -14.50 32.44
C LYS A 248 -19.45 -14.58 31.65
N LEU A 249 -19.27 -15.64 30.86
CA LEU A 249 -18.08 -15.73 30.03
C LEU A 249 -18.17 -14.75 28.88
N PHE A 250 -19.35 -14.66 28.25
CA PHE A 250 -19.56 -13.68 27.18
C PHE A 250 -19.45 -12.27 27.71
N ASP A 251 -19.91 -12.03 28.94
CA ASP A 251 -19.72 -10.75 29.59
C ASP A 251 -18.23 -10.48 29.79
N SER A 252 -17.46 -11.51 30.10
CA SER A 252 -16.04 -11.32 30.32
C SER A 252 -15.29 -11.10 29.01
N ILE A 253 -15.82 -11.65 27.91
CA ILE A 253 -15.21 -11.46 26.60
C ILE A 253 -15.25 -10.01 26.16
N CYS A 254 -16.39 -9.35 26.36
CA CYS A 254 -16.62 -8.01 25.81
C CYS A 254 -15.81 -6.98 26.59
N ASN A 255 -14.53 -6.90 26.22
CA ASN A 255 -13.67 -5.79 26.61
C ASN A 255 -13.08 -5.17 25.35
N ASN A 256 -12.78 -3.87 25.40
CA ASN A 256 -12.55 -3.06 24.22
C ASN A 256 -11.21 -2.34 24.29
N LYS A 257 -10.41 -2.45 23.22
CA LYS A 257 -9.13 -1.75 23.11
C LYS A 257 -8.94 -1.05 21.76
N TRP A 258 -9.60 -1.54 20.72
CA TRP A 258 -9.65 -0.88 19.42
C TRP A 258 -11.11 -0.61 19.08
N PHE A 259 -11.45 0.66 18.86
CA PHE A 259 -12.83 1.13 19.01
C PHE A 259 -13.59 1.07 17.69
N THR A 260 -14.73 0.39 17.70
CA THR A 260 -15.66 0.34 16.57
C THR A 260 -17.02 -0.10 17.08
N ASP A 261 -18.02 -0.03 16.20
CA ASP A 261 -19.40 -0.31 16.58
C ASP A 261 -19.61 -1.82 16.64
N THR A 262 -19.61 -2.38 17.85
CA THR A 262 -19.69 -3.82 18.05
C THR A 262 -21.14 -4.27 17.96
N SER A 263 -21.55 -4.69 16.77
CA SER A 263 -22.95 -5.02 16.50
C SER A 263 -23.34 -6.35 17.16
N ILE A 264 -23.57 -6.29 18.47
CA ILE A 264 -23.82 -7.50 19.26
C ILE A 264 -25.20 -8.06 18.94
N ILE A 265 -25.24 -9.28 18.42
CA ILE A 265 -26.48 -9.99 18.13
C ILE A 265 -26.70 -10.98 19.26
N LEU A 266 -27.91 -10.94 19.84
CA LEU A 266 -28.33 -11.91 20.84
C LEU A 266 -29.07 -13.03 20.12
N PHE A 267 -28.74 -14.26 20.44
CA PHE A 267 -29.33 -15.43 19.82
C PHE A 267 -29.94 -16.31 20.92
N LEU A 268 -31.25 -16.54 20.83
CA LEU A 268 -31.94 -17.30 21.87
C LEU A 268 -31.44 -18.73 21.94
N ASN A 269 -31.29 -19.36 20.78
CA ASN A 269 -31.18 -20.79 20.49
C ASN A 269 -32.48 -21.53 20.82
N LYS A 270 -33.57 -20.82 21.11
CA LYS A 270 -34.91 -21.40 21.23
C LYS A 270 -35.85 -20.63 20.33
N LYS A 271 -36.74 -21.33 19.64
CA LYS A 271 -37.64 -20.72 18.67
C LYS A 271 -38.64 -19.81 19.39
N ASP A 272 -39.50 -20.42 20.19
CA ASP A 272 -40.26 -19.67 21.19
C ASP A 272 -40.15 -20.37 22.54
N LEU A 273 -39.40 -21.46 22.58
CA LEU A 273 -39.30 -22.33 23.75
C LEU A 273 -38.64 -21.66 24.94
N PHE A 274 -37.94 -20.54 24.69
CA PHE A 274 -37.28 -19.80 25.75
C PHE A 274 -38.27 -19.30 26.79
N GLU A 275 -39.53 -19.08 26.38
CA GLU A 275 -40.59 -18.79 27.34
C GLU A 275 -40.76 -19.92 28.34
N GLU A 276 -40.90 -21.16 27.88
CA GLU A 276 -41.14 -22.25 28.81
C GLU A 276 -39.87 -22.59 29.61
N LYS A 277 -38.69 -22.36 29.03
CA LYS A 277 -37.46 -22.60 29.80
C LYS A 277 -37.10 -21.45 30.74
N ILE A 278 -37.76 -20.29 30.60
CA ILE A 278 -37.60 -19.31 31.67
C ILE A 278 -38.74 -19.45 32.67
N LYS A 279 -39.84 -20.10 32.28
CA LYS A 279 -40.83 -20.54 33.26
C LYS A 279 -40.26 -21.62 34.16
N LYS A 280 -39.47 -22.54 33.59
CA LYS A 280 -39.00 -23.70 34.35
C LYS A 280 -37.91 -23.32 35.37
N SER A 281 -36.93 -22.52 34.96
CA SER A 281 -35.84 -22.18 35.85
C SER A 281 -35.71 -20.67 35.99
N PRO A 282 -35.46 -20.16 37.19
CA PRO A 282 -35.29 -18.73 37.36
C PRO A 282 -33.98 -18.26 36.79
N LEU A 283 -33.97 -17.00 36.35
CA LEU A 283 -32.78 -16.37 35.80
C LEU A 283 -31.94 -15.68 36.87
N THR A 284 -32.37 -15.75 38.13
CA THR A 284 -31.59 -15.17 39.22
C THR A 284 -30.34 -15.99 39.53
N ILE A 285 -30.20 -17.16 38.91
CA ILE A 285 -29.05 -18.03 39.16
C ILE A 285 -27.76 -17.37 38.68
N CYS A 286 -27.75 -16.89 37.44
CA CYS A 286 -26.57 -16.22 36.91
C CYS A 286 -26.52 -14.75 37.33
N TYR A 287 -27.69 -14.15 37.55
CA TYR A 287 -27.77 -12.74 37.94
C TYR A 287 -28.39 -12.62 39.32
N PRO A 288 -27.59 -12.54 40.38
CA PRO A 288 -28.16 -12.42 41.74
C PRO A 288 -29.00 -11.17 41.95
N GLU A 289 -28.64 -10.05 41.32
CA GLU A 289 -29.30 -8.79 41.63
C GLU A 289 -30.61 -8.65 40.86
N TYR A 290 -30.93 -9.60 39.99
CA TYR A 290 -32.17 -9.51 39.23
C TYR A 290 -33.38 -9.76 40.10
N ALA A 291 -34.34 -8.83 40.04
CA ALA A 291 -35.61 -8.98 40.74
C ALA A 291 -36.79 -8.53 39.89
N GLY A 292 -36.62 -8.43 38.57
CA GLY A 292 -37.72 -8.05 37.71
C GLY A 292 -38.60 -9.23 37.35
N SER A 293 -39.52 -8.98 36.42
CA SER A 293 -40.42 -10.03 35.97
C SER A 293 -39.66 -11.11 35.23
N ASN A 294 -40.04 -12.36 35.49
CA ASN A 294 -39.41 -13.51 34.84
C ASN A 294 -40.10 -13.89 33.54
N THR A 295 -40.74 -12.93 32.88
CA THR A 295 -41.30 -13.20 31.56
C THR A 295 -40.22 -13.04 30.49
N TYR A 296 -40.65 -13.16 29.24
CA TYR A 296 -39.73 -13.13 28.10
C TYR A 296 -39.04 -11.78 27.98
N GLU A 297 -39.82 -10.72 27.79
CA GLU A 297 -39.27 -9.42 27.40
C GLU A 297 -38.48 -8.78 28.53
N GLU A 298 -38.95 -8.91 29.77
CA GLU A 298 -38.28 -8.26 30.90
C GLU A 298 -36.90 -8.86 31.13
N ALA A 299 -36.80 -10.18 31.13
CA ALA A 299 -35.51 -10.84 31.29
C ALA A 299 -34.57 -10.54 30.13
N ALA A 300 -35.09 -10.56 28.89
CA ALA A 300 -34.27 -10.23 27.74
C ALA A 300 -33.74 -8.80 27.81
N ALA A 301 -34.59 -7.87 28.26
CA ALA A 301 -34.17 -6.48 28.38
C ALA A 301 -33.13 -6.32 29.48
N TYR A 302 -33.23 -7.11 30.56
CA TYR A 302 -32.21 -7.02 31.60
C TYR A 302 -30.86 -7.53 31.09
N ILE A 303 -30.88 -8.61 30.31
CA ILE A 303 -29.63 -9.14 29.73
C ILE A 303 -29.02 -8.10 28.78
N GLN A 304 -29.86 -7.47 27.95
CA GLN A 304 -29.38 -6.41 27.08
C GLN A 304 -28.79 -5.26 27.88
N CYS A 305 -29.45 -4.86 28.97
CA CYS A 305 -28.95 -3.77 29.79
C CYS A 305 -27.59 -4.08 30.39
N GLN A 306 -27.40 -5.33 30.85
CA GLN A 306 -26.10 -5.72 31.35
C GLN A 306 -25.03 -5.66 30.27
N PHE A 307 -25.37 -6.11 29.06
CA PHE A 307 -24.39 -6.10 27.97
C PHE A 307 -24.00 -4.68 27.57
N GLU A 308 -24.95 -3.75 27.56
CA GLU A 308 -24.58 -2.35 27.33
C GLU A 308 -23.80 -1.78 28.50
N ASP A 309 -24.09 -2.22 29.73
CA ASP A 309 -23.34 -1.74 30.88
C ASP A 309 -21.91 -2.26 30.88
N LEU A 310 -21.63 -3.27 30.07
CA LEU A 310 -20.23 -3.67 29.85
C LEU A 310 -19.43 -2.55 29.20
N ASN A 311 -20.06 -1.78 28.32
CA ASN A 311 -19.38 -0.75 27.52
C ASN A 311 -18.96 0.39 28.43
N LYS A 312 -17.78 0.95 28.16
CA LYS A 312 -17.30 2.08 28.96
C LYS A 312 -17.53 3.40 28.23
N ARG A 313 -16.98 3.53 27.03
CA ARG A 313 -17.06 4.78 26.26
C ARG A 313 -18.35 4.75 25.47
N LYS A 314 -19.37 5.44 25.99
CA LYS A 314 -20.70 5.39 25.39
C LYS A 314 -20.79 6.22 24.12
N ASP A 315 -20.10 7.37 24.09
CA ASP A 315 -20.28 8.29 22.97
C ASP A 315 -19.47 7.86 21.76
N THR A 316 -18.40 7.09 21.96
CA THR A 316 -17.59 6.65 20.84
C THR A 316 -18.26 5.50 20.10
N LYS A 317 -18.46 4.38 20.77
CA LYS A 317 -18.98 3.17 20.14
C LYS A 317 -20.48 3.07 20.37
N GLU A 318 -21.18 2.47 19.41
CA GLU A 318 -22.60 2.17 19.54
C GLU A 318 -22.78 0.67 19.43
N ILE A 319 -23.38 0.07 20.45
CA ILE A 319 -23.57 -1.39 20.46
C ILE A 319 -24.98 -1.64 19.93
N TYR A 320 -25.05 -2.05 18.68
CA TYR A 320 -26.32 -2.33 18.05
C TYR A 320 -26.79 -3.72 18.47
N THR A 321 -27.86 -3.78 19.25
CA THR A 321 -28.26 -5.01 19.91
C THR A 321 -29.50 -5.57 19.22
N HIS A 322 -29.52 -6.87 18.99
CA HIS A 322 -30.59 -7.56 18.28
C HIS A 322 -30.78 -8.93 18.89
N PHE A 323 -32.01 -9.24 19.29
CA PHE A 323 -32.31 -10.57 19.84
C PHE A 323 -33.29 -11.25 18.87
N THR A 324 -32.81 -12.33 18.25
CA THR A 324 -33.56 -13.10 17.28
C THR A 324 -32.94 -14.48 17.15
N CYS A 325 -33.78 -15.51 17.05
CA CYS A 325 -33.33 -16.89 16.85
C CYS A 325 -33.81 -17.44 15.52
N ALA A 326 -35.07 -17.14 15.16
CA ALA A 326 -35.61 -17.64 13.90
C ALA A 326 -34.95 -16.95 12.71
N THR A 327 -35.14 -15.63 12.58
CA THR A 327 -34.46 -14.78 11.61
C THR A 327 -34.66 -15.26 10.18
N ASP A 328 -35.91 -15.24 9.72
CA ASP A 328 -36.17 -15.39 8.29
C ASP A 328 -35.51 -14.26 7.52
N THR A 329 -35.60 -13.05 8.06
CA THR A 329 -34.85 -11.89 7.62
C THR A 329 -34.40 -11.11 8.84
N LYS A 330 -34.00 -9.86 8.60
CA LYS A 330 -33.81 -8.77 9.54
C LYS A 330 -32.54 -8.90 10.37
N ASN A 331 -31.86 -10.05 10.37
CA ASN A 331 -30.50 -10.06 10.88
C ASN A 331 -29.53 -9.63 9.79
N VAL A 332 -29.88 -9.91 8.53
CA VAL A 332 -29.21 -9.28 7.41
C VAL A 332 -29.49 -7.77 7.39
N GLN A 333 -30.75 -7.37 7.60
CA GLN A 333 -31.08 -5.95 7.64
C GLN A 333 -30.40 -5.26 8.81
N PHE A 334 -30.21 -5.97 9.91
CA PHE A 334 -29.70 -5.31 11.11
C PHE A 334 -28.22 -5.01 10.95
N VAL A 335 -27.45 -5.97 10.44
CA VAL A 335 -26.03 -5.70 10.20
C VAL A 335 -25.88 -4.69 9.06
N PHE A 336 -26.80 -4.73 8.09
CA PHE A 336 -26.78 -3.76 7.01
C PHE A 336 -26.97 -2.34 7.55
N ASP A 337 -27.93 -2.16 8.45
CA ASP A 337 -28.20 -0.84 9.02
C ASP A 337 -27.07 -0.39 9.92
N ALA A 338 -26.49 -1.30 10.69
CA ALA A 338 -25.39 -0.93 11.58
C ALA A 338 -24.16 -0.51 10.78
N VAL A 339 -23.81 -1.26 9.73
CA VAL A 339 -22.62 -0.89 8.97
C VAL A 339 -22.90 0.31 8.07
N THR A 340 -24.17 0.54 7.72
CA THR A 340 -24.50 1.77 7.00
C THR A 340 -24.30 2.98 7.90
N ASP A 341 -24.73 2.89 9.16
CA ASP A 341 -24.46 3.99 10.08
C ASP A 341 -22.98 4.10 10.41
N VAL A 342 -22.23 3.01 10.23
CA VAL A 342 -20.78 3.08 10.41
C VAL A 342 -20.12 3.79 9.23
N ILE A 343 -20.51 3.43 8.00
CA ILE A 343 -19.84 3.99 6.83
C ILE A 343 -20.32 5.42 6.56
N ILE A 344 -21.47 5.80 7.13
CA ILE A 344 -21.85 7.21 7.12
C ILE A 344 -20.92 8.00 8.02
N LYS A 345 -20.76 7.56 9.26
CA LYS A 345 -20.03 8.32 10.28
C LYS A 345 -18.53 8.18 10.03
N ASN A 346 -17.87 9.30 9.75
CA ASN A 346 -16.41 9.46 9.70
C ASN A 346 -15.74 8.53 8.68
N ASN A 347 -16.53 7.85 7.85
CA ASN A 347 -16.06 7.10 6.70
C ASN A 347 -16.51 7.75 5.41
N LEU A 348 -17.74 8.27 5.41
CA LEU A 348 -18.21 9.23 4.42
C LEU A 348 -18.38 10.60 5.04
N LYS A 349 -17.63 10.89 6.11
CA LYS A 349 -17.57 12.23 6.69
C LYS A 349 -16.16 12.79 6.68
N ASP A 350 -15.42 12.60 5.59
CA ASP A 350 -14.41 13.57 5.23
C ASP A 350 -15.08 14.89 4.83
N CYS A 351 -16.18 14.80 4.10
CA CYS A 351 -17.07 15.92 3.83
C CYS A 351 -18.33 15.78 4.68
N GLY A 352 -18.92 16.91 5.04
CA GLY A 352 -20.02 16.93 5.99
C GLY A 352 -19.58 17.10 7.42
N LEU A 353 -18.27 17.05 7.68
CA LEU A 353 -17.64 17.38 8.97
C LEU A 353 -18.23 16.61 10.15
N PHE A 354 -17.76 15.39 10.35
CA PHE A 354 -18.02 14.73 11.62
C PHE A 354 -16.68 14.43 12.29
N TYR B 1 -20.89 39.80 -8.42
CA TYR B 1 -20.13 40.00 -9.64
C TYR B 1 -20.21 41.46 -10.02
N GLY B 2 -21.38 42.04 -9.80
CA GLY B 2 -21.62 43.42 -10.17
C GLY B 2 -21.95 43.54 -11.64
N GLY B 3 -23.06 44.22 -11.92
CA GLY B 3 -23.51 44.25 -13.28
C GLY B 3 -22.88 45.38 -14.07
N PHE B 4 -21.81 45.06 -14.80
CA PHE B 4 -21.23 46.03 -15.71
C PHE B 4 -22.20 46.37 -16.83
N LEU B 5 -22.45 45.40 -17.73
CA LEU B 5 -23.63 45.26 -18.62
C LEU B 5 -24.15 46.58 -19.20
N ARG B 6 -23.22 47.47 -19.55
CA ARG B 6 -23.51 48.85 -19.96
C ARG B 6 -24.39 49.56 -18.92
N ARG B 7 -23.94 49.54 -17.66
CA ARG B 7 -24.67 50.22 -16.61
C ARG B 7 -24.61 51.74 -16.80
N ILE B 8 -25.77 52.37 -16.73
CA ILE B 8 -25.87 53.83 -16.79
C ILE B 8 -25.82 54.35 -15.36
N ARG B 9 -25.17 55.49 -15.17
CA ARG B 9 -25.02 56.08 -13.85
C ARG B 9 -25.79 57.39 -13.73
N PRO C 158 -21.02 62.07 2.15
CA PRO C 158 -19.74 62.60 1.66
C PRO C 158 -18.59 61.63 1.90
N ALA C 159 -18.85 60.61 2.72
CA ALA C 159 -17.85 59.61 3.06
C ALA C 159 -18.02 58.32 2.27
N ILE C 160 -18.94 58.32 1.28
CA ILE C 160 -19.15 57.10 0.49
C ILE C 160 -17.93 56.63 -0.29
N PRO C 161 -16.99 57.49 -0.75
CA PRO C 161 -15.72 56.91 -1.23
C PRO C 161 -14.96 56.18 -0.14
N VAL C 162 -14.94 56.73 1.06
CA VAL C 162 -14.24 56.08 2.18
C VAL C 162 -14.91 54.76 2.51
N ILE C 163 -16.24 54.74 2.58
CA ILE C 163 -16.97 53.53 2.93
C ILE C 163 -16.77 52.44 1.87
N ILE C 164 -16.98 52.77 0.60
CA ILE C 164 -16.87 51.78 -0.46
C ILE C 164 -15.43 51.29 -0.59
N THR C 165 -14.45 52.21 -0.57
CA THR C 165 -13.05 51.82 -0.72
C THR C 165 -12.57 50.98 0.46
N ALA C 166 -12.98 51.34 1.67
CA ALA C 166 -12.56 50.59 2.85
C ALA C 166 -13.15 49.18 2.82
N VAL C 167 -14.45 49.07 2.54
CA VAL C 167 -15.09 47.75 2.46
C VAL C 167 -14.42 46.90 1.39
N TYR C 168 -14.21 47.47 0.19
CA TYR C 168 -13.65 46.72 -0.92
C TYR C 168 -12.22 46.27 -0.62
N SER C 169 -11.40 47.15 -0.03
CA SER C 169 -10.02 46.80 0.25
C SER C 169 -9.94 45.69 1.30
N VAL C 170 -10.76 45.79 2.35
CA VAL C 170 -10.73 44.76 3.41
C VAL C 170 -11.17 43.42 2.87
N VAL C 171 -12.25 43.39 2.08
CA VAL C 171 -12.73 42.08 1.60
C VAL C 171 -11.75 41.50 0.59
N PHE C 172 -11.08 42.38 -0.18
CA PHE C 172 -10.05 41.94 -1.11
C PHE C 172 -8.90 41.26 -0.38
N VAL C 173 -8.32 41.94 0.62
CA VAL C 173 -7.13 41.41 1.26
C VAL C 173 -7.48 40.15 2.04
N VAL C 174 -8.64 40.14 2.72
CA VAL C 174 -8.96 38.97 3.54
C VAL C 174 -9.29 37.77 2.67
N GLY C 175 -9.95 37.99 1.53
CA GLY C 175 -10.22 36.89 0.62
C GLY C 175 -8.96 36.35 -0.02
N LEU C 176 -8.07 37.25 -0.46
CA LEU C 176 -6.86 36.81 -1.15
C LEU C 176 -5.94 36.04 -0.22
N VAL C 177 -5.74 36.55 1.01
CA VAL C 177 -4.90 35.82 1.95
C VAL C 177 -5.59 34.54 2.41
N GLY C 178 -6.92 34.53 2.53
CA GLY C 178 -7.61 33.31 2.91
C GLY C 178 -7.44 32.21 1.90
N ASN C 179 -7.62 32.54 0.61
CA ASN C 179 -7.41 31.52 -0.42
C ASN C 179 -5.95 31.11 -0.50
N SER C 180 -5.01 32.06 -0.34
CA SER C 180 -3.59 31.72 -0.49
C SER C 180 -3.11 30.79 0.63
N LEU C 181 -3.53 31.07 1.87
CA LEU C 181 -3.23 30.14 2.96
C LEU C 181 -3.95 28.82 2.80
N VAL C 182 -5.16 28.81 2.19
CA VAL C 182 -5.82 27.54 1.90
C VAL C 182 -4.98 26.71 0.94
N MET C 183 -4.45 27.36 -0.12
CA MET C 183 -3.57 26.67 -1.06
C MET C 183 -2.32 26.13 -0.37
N PHE C 184 -1.64 26.95 0.43
CA PHE C 184 -0.38 26.50 0.98
C PHE C 184 -0.61 25.39 2.01
N VAL C 185 -1.67 25.49 2.81
CA VAL C 185 -1.98 24.46 3.78
C VAL C 185 -2.40 23.17 3.09
N ILE C 186 -3.06 23.25 1.94
CA ILE C 186 -3.48 22.01 1.31
C ILE C 186 -2.32 21.34 0.56
N ILE C 187 -1.33 22.13 0.10
CA ILE C 187 -0.11 21.50 -0.40
C ILE C 187 0.71 20.90 0.75
N ARG C 188 0.69 21.54 1.92
CA ARG C 188 1.31 20.92 3.09
C ARG C 188 0.62 19.61 3.44
N TYR C 189 -0.71 19.59 3.38
CA TYR C 189 -1.50 18.39 3.59
C TYR C 189 -1.53 17.61 2.27
N THR C 190 -2.39 16.60 2.17
CA THR C 190 -2.58 15.87 0.92
C THR C 190 -3.95 16.25 0.33
N LYS C 191 -3.97 16.52 -0.97
CA LYS C 191 -5.24 16.90 -1.59
C LYS C 191 -5.83 15.76 -2.41
N MET C 192 -5.01 15.00 -3.12
CA MET C 192 -5.55 14.11 -4.15
C MET C 192 -6.04 12.79 -3.57
N LYS C 193 -5.92 12.61 -2.26
CA LYS C 193 -6.41 11.37 -1.65
C LYS C 193 -7.92 11.38 -1.51
N THR C 194 -8.50 12.55 -1.27
CA THR C 194 -9.93 12.69 -1.02
C THR C 194 -10.57 13.54 -2.10
N ALA C 195 -11.86 13.29 -2.35
CA ALA C 195 -12.64 14.20 -3.20
C ALA C 195 -12.79 15.56 -2.53
N THR C 196 -12.90 15.56 -1.21
CA THR C 196 -13.21 16.78 -0.45
C THR C 196 -12.13 17.82 -0.59
N ASN C 197 -10.87 17.39 -0.51
CA ASN C 197 -9.76 18.33 -0.56
C ASN C 197 -9.62 18.95 -1.94
N ILE C 198 -9.83 18.16 -3.00
CA ILE C 198 -9.73 18.75 -4.34
C ILE C 198 -10.91 19.68 -4.58
N TYR C 199 -12.08 19.37 -4.01
CA TYR C 199 -13.24 20.25 -4.13
C TYR C 199 -12.98 21.59 -3.46
N ILE C 200 -12.51 21.56 -2.20
CA ILE C 200 -12.25 22.83 -1.50
C ILE C 200 -11.08 23.57 -2.15
N PHE C 201 -10.15 22.84 -2.76
CA PHE C 201 -9.02 23.49 -3.43
C PHE C 201 -9.48 24.26 -4.65
N ASN C 202 -10.25 23.63 -5.53
CA ASN C 202 -10.63 24.33 -6.76
C ASN C 202 -11.70 25.37 -6.47
N LEU C 203 -12.48 25.18 -5.40
CA LEU C 203 -13.39 26.23 -4.96
C LEU C 203 -12.61 27.44 -4.46
N ALA C 204 -11.52 27.22 -3.72
CA ALA C 204 -10.70 28.33 -3.26
C ALA C 204 -9.97 28.99 -4.43
N LEU C 205 -9.64 28.20 -5.46
CA LEU C 205 -9.05 28.76 -6.67
C LEU C 205 -10.03 29.69 -7.37
N ALA C 206 -11.29 29.26 -7.47
CA ALA C 206 -12.33 30.12 -8.02
C ALA C 206 -12.50 31.38 -7.19
N ASP C 207 -12.47 31.25 -5.86
CA ASP C 207 -12.64 32.41 -5.00
C ASP C 207 -11.48 33.40 -5.15
N ALA C 208 -10.25 32.88 -5.24
CA ALA C 208 -9.09 33.76 -5.41
C ALA C 208 -9.14 34.48 -6.74
N LEU C 209 -9.53 33.77 -7.81
CA LEU C 209 -9.55 34.41 -9.12
C LEU C 209 -10.75 35.33 -9.26
N VAL C 210 -11.75 35.19 -8.38
CA VAL C 210 -12.73 36.27 -8.24
C VAL C 210 -12.10 37.47 -7.55
N THR C 211 -11.40 37.24 -6.44
CA THR C 211 -10.94 38.36 -5.61
C THR C 211 -9.84 39.19 -6.27
N THR C 212 -9.12 38.60 -7.23
CA THR C 212 -8.07 39.36 -7.92
C THR C 212 -8.64 40.55 -8.69
N THR C 213 -9.86 40.41 -9.23
CA THR C 213 -10.42 41.47 -10.06
C THR C 213 -11.19 42.51 -9.27
N MET C 214 -10.94 42.64 -7.98
CA MET C 214 -11.78 43.53 -7.18
C MET C 214 -11.36 45.00 -7.29
N PRO C 215 -10.05 45.36 -7.30
CA PRO C 215 -9.69 46.74 -7.65
C PRO C 215 -10.25 47.22 -8.98
N PHE C 216 -10.27 46.35 -9.99
CA PHE C 216 -10.81 46.74 -11.29
C PHE C 216 -12.31 46.97 -11.21
N GLN C 217 -12.98 46.29 -10.28
CA GLN C 217 -14.38 46.60 -10.00
C GLN C 217 -14.50 47.93 -9.28
N SER C 218 -13.55 48.24 -8.38
CA SER C 218 -13.68 49.42 -7.53
C SER C 218 -13.37 50.70 -8.31
N THR C 219 -12.48 50.62 -9.30
CA THR C 219 -12.06 51.82 -10.01
C THR C 219 -13.20 52.43 -10.83
N VAL C 220 -14.13 51.60 -11.30
CA VAL C 220 -15.23 52.10 -12.11
C VAL C 220 -16.15 52.99 -11.28
N TYR C 221 -16.26 52.71 -9.98
CA TYR C 221 -17.01 53.60 -9.11
C TYR C 221 -16.15 54.76 -8.65
N LEU C 222 -14.89 54.53 -8.32
CA LEU C 222 -14.10 55.53 -7.61
C LEU C 222 -13.39 56.51 -8.55
N MET C 223 -12.58 55.99 -9.47
CA MET C 223 -11.75 56.89 -10.28
C MET C 223 -12.46 57.28 -11.57
N ASN C 224 -13.26 56.36 -12.13
CA ASN C 224 -14.31 56.63 -13.10
C ASN C 224 -13.82 57.01 -14.50
N SER C 225 -12.53 57.24 -14.69
CA SER C 225 -12.08 57.98 -15.86
C SER C 225 -11.04 57.25 -16.71
N TRP C 226 -10.23 56.39 -16.13
CA TRP C 226 -9.11 55.78 -16.83
C TRP C 226 -9.15 54.26 -16.74
N PRO C 227 -9.92 53.61 -17.61
CA PRO C 227 -9.69 52.19 -17.88
C PRO C 227 -8.25 51.97 -18.35
N PHE C 228 -7.51 51.16 -17.60
CA PHE C 228 -6.08 51.02 -17.85
C PHE C 228 -5.81 50.25 -19.14
N GLY C 229 -6.77 49.46 -19.60
CA GLY C 229 -6.57 48.70 -20.82
C GLY C 229 -7.85 48.25 -21.47
N ASP C 230 -7.89 48.28 -22.80
CA ASP C 230 -9.03 47.70 -23.50
C ASP C 230 -8.98 46.19 -23.45
N VAL C 231 -7.79 45.60 -23.63
CA VAL C 231 -7.65 44.17 -23.45
C VAL C 231 -7.72 43.81 -21.96
N LEU C 232 -7.23 44.70 -21.09
CA LEU C 232 -7.21 44.42 -19.66
C LEU C 232 -8.62 44.36 -19.08
N CYS C 233 -9.47 45.32 -19.46
CA CYS C 233 -10.84 45.30 -18.94
C CYS C 233 -11.63 44.15 -19.53
N LYS C 234 -11.33 43.79 -20.78
CA LYS C 234 -11.97 42.62 -21.40
C LYS C 234 -11.63 41.34 -20.65
N ILE C 235 -10.35 41.14 -20.33
CA ILE C 235 -9.96 39.90 -19.68
C ILE C 235 -10.42 39.88 -18.23
N VAL C 236 -10.43 41.02 -17.54
CA VAL C 236 -10.89 40.99 -16.16
C VAL C 236 -12.40 40.78 -16.09
N LEU C 237 -13.15 41.30 -17.06
CA LEU C 237 -14.58 41.01 -17.11
C LEU C 237 -14.84 39.54 -17.34
N SER C 238 -14.14 38.95 -18.31
CA SER C 238 -14.39 37.54 -18.61
C SER C 238 -14.00 36.64 -17.45
N ILE C 239 -12.85 36.92 -16.82
CA ILE C 239 -12.42 36.09 -15.70
C ILE C 239 -13.31 36.31 -14.49
N ASP C 240 -13.88 37.51 -14.35
CA ASP C 240 -14.78 37.78 -13.22
C ASP C 240 -16.07 37.00 -13.34
N TYR C 241 -16.74 37.07 -14.50
CA TYR C 241 -18.00 36.35 -14.65
C TYR C 241 -17.78 34.83 -14.66
N TYR C 242 -16.73 34.39 -15.34
CA TYR C 242 -16.33 32.99 -15.34
C TYR C 242 -16.10 32.46 -13.93
N ASN C 243 -15.29 33.14 -13.13
CA ASN C 243 -14.96 32.58 -11.84
C ASN C 243 -16.11 32.73 -10.84
N MET C 244 -17.02 33.69 -11.07
CA MET C 244 -18.21 33.71 -10.24
C MET C 244 -19.07 32.47 -10.47
N PHE C 245 -19.30 32.13 -11.75
CA PHE C 245 -19.98 30.87 -12.05
C PHE C 245 -19.21 29.68 -11.50
N THR C 246 -17.88 29.76 -11.49
CA THR C 246 -17.07 28.63 -11.06
C THR C 246 -17.23 28.39 -9.56
N SER C 247 -17.12 29.45 -8.75
CA SER C 247 -17.25 29.31 -7.31
C SER C 247 -18.66 28.87 -6.92
N ILE C 248 -19.68 29.43 -7.57
CA ILE C 248 -21.05 29.03 -7.26
C ILE C 248 -21.30 27.57 -7.61
N PHE C 249 -20.80 27.12 -8.76
CA PHE C 249 -21.01 25.74 -9.16
C PHE C 249 -20.21 24.76 -8.31
N THR C 250 -19.04 25.18 -7.82
CA THR C 250 -18.31 24.30 -6.91
C THR C 250 -19.01 24.21 -5.56
N LEU C 251 -19.65 25.29 -5.11
CA LEU C 251 -20.49 25.20 -3.91
C LEU C 251 -21.64 24.21 -4.10
N THR C 252 -22.32 24.31 -5.24
CA THR C 252 -23.44 23.40 -5.52
C THR C 252 -22.97 21.95 -5.59
N MET C 253 -21.87 21.70 -6.27
CA MET C 253 -21.41 20.31 -6.41
C MET C 253 -20.80 19.79 -5.12
N MET C 254 -20.30 20.67 -4.26
CA MET C 254 -19.82 20.23 -2.96
C MET C 254 -20.98 19.83 -2.05
N SER C 255 -22.09 20.58 -2.13
CA SER C 255 -23.29 20.19 -1.39
C SER C 255 -23.82 18.85 -1.90
N VAL C 256 -23.84 18.67 -3.21
CA VAL C 256 -24.30 17.39 -3.78
C VAL C 256 -23.35 16.27 -3.39
N ASP C 257 -22.06 16.59 -3.26
CA ASP C 257 -21.08 15.62 -2.77
C ASP C 257 -21.40 15.16 -1.36
N ARG C 258 -21.69 16.09 -0.45
CA ARG C 258 -22.03 15.71 0.92
C ARG C 258 -23.35 14.95 0.96
N TYR C 259 -24.30 15.30 0.09
CA TYR C 259 -25.57 14.59 0.07
C TYR C 259 -25.41 13.17 -0.45
N ILE C 260 -24.55 12.94 -1.44
CA ILE C 260 -24.26 11.59 -1.88
C ILE C 260 -23.52 10.83 -0.77
N ALA C 261 -22.67 11.53 -0.03
CA ALA C 261 -21.93 10.89 1.05
C ALA C 261 -22.85 10.40 2.16
N VAL C 262 -23.90 11.16 2.47
CA VAL C 262 -24.74 10.86 3.63
C VAL C 262 -26.01 10.11 3.25
N CYS C 263 -26.78 10.65 2.30
CA CYS C 263 -28.10 10.10 2.03
C CYS C 263 -28.02 8.78 1.28
N HIS C 264 -27.00 8.60 0.46
CA HIS C 264 -26.83 7.37 -0.31
C HIS C 264 -25.43 6.80 -0.06
N PRO C 265 -25.22 6.16 1.10
CA PRO C 265 -23.86 5.75 1.43
C PRO C 265 -23.42 4.47 0.74
N VAL C 266 -24.37 3.69 0.23
CA VAL C 266 -24.00 2.50 -0.56
C VAL C 266 -23.41 2.94 -1.89
N LYS C 267 -24.07 3.88 -2.58
CA LYS C 267 -23.60 4.35 -3.86
C LYS C 267 -22.43 5.31 -3.74
N ALA C 268 -22.14 5.78 -2.53
CA ALA C 268 -21.11 6.81 -2.36
C ALA C 268 -19.71 6.23 -2.52
N LEU C 269 -19.55 4.95 -2.23
CA LEU C 269 -18.25 4.33 -2.43
C LEU C 269 -17.92 4.23 -3.92
N ASP C 270 -18.96 4.19 -4.76
CA ASP C 270 -18.77 4.26 -6.20
C ASP C 270 -18.57 5.71 -6.67
N PHE C 271 -19.43 6.62 -6.21
CA PHE C 271 -19.42 7.97 -6.76
C PHE C 271 -18.24 8.79 -6.23
N ARG C 272 -17.93 8.69 -4.94
CA ARG C 272 -17.04 9.64 -4.29
C ARG C 272 -15.57 9.27 -4.40
N THR C 273 -15.18 8.52 -5.42
CA THR C 273 -13.76 8.24 -5.64
C THR C 273 -13.08 9.51 -6.18
N PRO C 274 -11.77 9.67 -5.94
CA PRO C 274 -11.09 10.88 -6.42
C PRO C 274 -11.07 11.05 -7.94
N LEU C 275 -11.06 9.96 -8.70
CA LEU C 275 -11.02 10.09 -10.16
C LEU C 275 -12.32 10.69 -10.69
N LYS C 276 -13.48 10.18 -10.24
CA LYS C 276 -14.76 10.76 -10.62
C LYS C 276 -14.88 12.19 -10.11
N ALA C 277 -14.27 12.48 -8.95
CA ALA C 277 -14.28 13.84 -8.42
C ALA C 277 -13.54 14.80 -9.33
N LYS C 278 -12.33 14.42 -9.78
CA LYS C 278 -11.56 15.30 -10.65
C LYS C 278 -12.22 15.41 -12.01
N ILE C 279 -12.90 14.35 -12.46
CA ILE C 279 -13.67 14.41 -13.71
C ILE C 279 -14.77 15.46 -13.60
N ILE C 280 -15.56 15.42 -12.53
CA ILE C 280 -16.65 16.37 -12.35
C ILE C 280 -16.12 17.79 -12.16
N ASN C 281 -14.98 17.92 -11.46
CA ASN C 281 -14.35 19.22 -11.29
C ASN C 281 -13.93 19.83 -12.62
N ILE C 282 -13.24 19.05 -13.45
CA ILE C 282 -12.82 19.53 -14.76
C ILE C 282 -14.03 19.86 -15.62
N CYS C 283 -15.09 19.06 -15.51
CA CYS C 283 -16.30 19.30 -16.29
C CYS C 283 -16.98 20.61 -15.91
N ILE C 284 -17.04 20.93 -14.60
CA ILE C 284 -17.72 22.16 -14.22
C ILE C 284 -16.83 23.37 -14.48
N TRP C 285 -15.50 23.21 -14.44
CA TRP C 285 -14.64 24.30 -14.89
C TRP C 285 -14.85 24.57 -16.38
N LEU C 286 -15.07 23.51 -17.17
CA LEU C 286 -15.36 23.69 -18.59
C LEU C 286 -16.71 24.37 -18.82
N LEU C 287 -17.72 23.99 -18.04
CA LEU C 287 -19.04 24.58 -18.26
C LEU C 287 -19.07 26.03 -17.76
N SER C 288 -18.17 26.36 -16.83
CA SER C 288 -17.92 27.76 -16.53
C SER C 288 -17.20 28.45 -17.67
N SER C 289 -16.27 27.74 -18.32
CA SER C 289 -15.50 28.33 -19.43
C SER C 289 -16.39 28.65 -20.62
N SER C 290 -17.56 28.01 -20.69
CA SER C 290 -18.60 28.49 -21.60
C SER C 290 -18.90 29.98 -21.40
N VAL C 291 -19.09 30.40 -20.16
CA VAL C 291 -19.32 31.81 -19.86
C VAL C 291 -18.08 32.64 -20.17
N GLY C 292 -16.90 32.06 -19.94
CA GLY C 292 -15.66 32.77 -20.25
C GLY C 292 -15.50 33.06 -21.73
N ILE C 293 -15.76 32.06 -22.58
CA ILE C 293 -15.63 32.28 -24.02
C ILE C 293 -16.74 33.21 -24.53
N SER C 294 -17.94 33.14 -23.95
CA SER C 294 -18.99 34.07 -24.35
C SER C 294 -18.64 35.51 -23.97
N ALA C 295 -18.07 35.70 -22.78
CA ALA C 295 -17.66 37.03 -22.35
C ALA C 295 -16.48 37.54 -23.17
N ILE C 296 -15.62 36.63 -23.62
CA ILE C 296 -14.54 37.03 -24.52
C ILE C 296 -15.09 37.47 -25.87
N VAL C 297 -16.13 36.77 -26.36
CA VAL C 297 -16.73 37.16 -27.63
C VAL C 297 -17.41 38.53 -27.52
N LEU C 298 -18.07 38.80 -26.39
CA LEU C 298 -18.71 40.11 -26.22
C LEU C 298 -18.10 40.94 -25.09
N GLY C 299 -16.79 41.10 -25.05
CA GLY C 299 -16.17 41.87 -23.99
C GLY C 299 -15.28 43.00 -24.43
N GLY C 300 -14.97 43.91 -23.51
CA GLY C 300 -14.07 45.01 -23.79
C GLY C 300 -14.61 46.31 -23.22
N THR C 301 -13.75 47.31 -23.15
CA THR C 301 -14.20 48.63 -22.75
C THR C 301 -14.85 49.35 -23.93
N LYS C 302 -15.70 50.33 -23.62
CA LYS C 302 -16.40 51.09 -24.64
C LYS C 302 -16.06 52.57 -24.49
N VAL C 303 -15.72 53.20 -25.62
CA VAL C 303 -15.41 54.62 -25.64
C VAL C 303 -16.58 55.37 -26.25
N ARG C 304 -17.02 56.44 -25.60
CA ARG C 304 -18.08 57.30 -26.12
C ARG C 304 -17.72 58.75 -25.90
N GLU C 305 -18.19 59.61 -26.80
CA GLU C 305 -17.77 61.02 -26.83
C GLU C 305 -18.65 61.85 -25.88
N ASP C 306 -18.15 61.99 -24.66
CA ASP C 306 -18.48 62.89 -23.55
C ASP C 306 -19.96 62.89 -23.14
N VAL C 307 -20.79 61.99 -23.67
CA VAL C 307 -22.13 61.83 -23.12
C VAL C 307 -22.07 60.99 -21.84
N ASP C 308 -20.98 60.24 -21.69
CA ASP C 308 -20.62 59.58 -20.45
C ASP C 308 -19.12 59.32 -20.50
N VAL C 309 -18.51 59.21 -19.33
CA VAL C 309 -17.09 58.88 -19.28
C VAL C 309 -16.94 57.38 -19.52
N ILE C 310 -15.87 57.01 -20.22
CA ILE C 310 -15.73 55.63 -20.71
C ILE C 310 -15.52 54.68 -19.54
N GLU C 311 -15.87 53.42 -19.76
CA GLU C 311 -15.92 52.46 -18.67
C GLU C 311 -15.74 51.05 -19.22
N CYS C 312 -15.45 50.12 -18.31
CA CYS C 312 -15.26 48.73 -18.68
C CYS C 312 -16.58 47.98 -18.48
N SER C 313 -17.11 47.41 -19.54
CA SER C 313 -18.44 46.80 -19.49
C SER C 313 -18.52 45.64 -20.46
N LEU C 314 -19.74 45.19 -20.70
CA LEU C 314 -20.02 44.12 -21.64
C LEU C 314 -20.90 44.66 -22.76
N GLN C 315 -20.49 44.40 -24.01
CA GLN C 315 -21.07 45.13 -25.13
C GLN C 315 -22.32 44.47 -25.71
N PHE C 316 -23.03 45.29 -26.47
CA PHE C 316 -24.20 44.89 -27.22
C PHE C 316 -23.88 43.88 -28.31
N PRO C 317 -24.83 43.00 -28.63
CA PRO C 317 -24.70 42.21 -29.87
C PRO C 317 -24.99 43.01 -31.12
N ASP C 318 -25.96 43.92 -31.05
CA ASP C 318 -26.33 44.80 -32.15
C ASP C 318 -27.01 46.04 -31.57
N ASP C 319 -27.67 46.82 -32.44
CA ASP C 319 -28.34 48.04 -32.00
C ASP C 319 -29.42 47.76 -30.96
N ASP C 320 -30.01 46.56 -31.00
CA ASP C 320 -30.87 46.13 -29.91
C ASP C 320 -30.02 45.72 -28.71
N TYR C 321 -30.35 46.26 -27.55
CA TYR C 321 -29.65 45.93 -26.31
C TYR C 321 -30.62 46.14 -25.16
N SER C 322 -30.25 45.59 -24.01
CA SER C 322 -31.00 45.46 -22.76
C SER C 322 -32.18 44.51 -22.89
N TRP C 323 -32.43 43.92 -24.06
CA TRP C 323 -33.32 42.78 -24.19
C TRP C 323 -32.54 41.49 -24.34
N TRP C 324 -31.44 41.51 -25.09
CA TRP C 324 -30.48 40.42 -24.99
C TRP C 324 -29.83 40.42 -23.62
N ASP C 325 -29.64 41.61 -23.04
CA ASP C 325 -29.12 41.68 -21.67
C ASP C 325 -30.20 41.32 -20.66
N LEU C 326 -31.48 41.45 -21.04
CA LEU C 326 -32.55 40.88 -20.23
C LEU C 326 -32.42 39.36 -20.17
N PHE C 327 -32.12 38.74 -21.31
CA PHE C 327 -31.82 37.31 -21.33
C PHE C 327 -30.59 36.99 -20.51
N MET C 328 -29.57 37.85 -20.58
CA MET C 328 -28.37 37.65 -19.77
C MET C 328 -28.68 37.73 -18.29
N LYS C 329 -29.52 38.68 -17.89
CA LYS C 329 -29.84 38.85 -16.47
C LYS C 329 -30.69 37.70 -15.95
N ILE C 330 -31.68 37.27 -16.72
CA ILE C 330 -32.49 36.14 -16.28
C ILE C 330 -31.65 34.86 -16.27
N CYS C 331 -30.70 34.73 -17.19
CA CYS C 331 -29.85 33.54 -17.20
C CYS C 331 -28.91 33.52 -16.00
N VAL C 332 -28.27 34.65 -15.68
CA VAL C 332 -27.37 34.65 -14.53
C VAL C 332 -28.15 34.48 -13.24
N PHE C 333 -29.38 35.03 -13.17
CA PHE C 333 -30.20 34.84 -11.98
C PHE C 333 -30.61 33.38 -11.80
N ILE C 334 -31.19 32.77 -12.83
CA ILE C 334 -31.68 31.40 -12.71
C ILE C 334 -30.54 30.42 -12.52
N PHE C 335 -29.42 30.62 -13.22
CA PHE C 335 -28.34 29.66 -13.18
C PHE C 335 -27.21 30.04 -12.22
N ALA C 336 -27.41 31.06 -11.38
CA ALA C 336 -26.46 31.33 -10.31
C ALA C 336 -27.14 31.52 -8.96
N PHE C 337 -28.45 31.73 -8.91
CA PHE C 337 -29.14 31.78 -7.63
C PHE C 337 -30.23 30.73 -7.52
N VAL C 338 -31.16 30.71 -8.47
CA VAL C 338 -32.38 29.90 -8.30
C VAL C 338 -32.06 28.42 -8.31
N ILE C 339 -31.30 27.97 -9.29
CA ILE C 339 -30.85 26.58 -9.32
C ILE C 339 -29.89 26.27 -8.15
N PRO C 340 -28.83 27.06 -7.89
CA PRO C 340 -27.94 26.66 -6.78
C PRO C 340 -28.54 26.73 -5.39
N VAL C 341 -29.36 27.75 -5.09
CA VAL C 341 -29.96 27.83 -3.76
C VAL C 341 -30.95 26.69 -3.54
N LEU C 342 -31.78 26.40 -4.55
CA LEU C 342 -32.71 25.28 -4.44
C LEU C 342 -31.97 23.97 -4.24
N ILE C 343 -30.90 23.73 -5.02
CA ILE C 343 -30.16 22.48 -4.90
C ILE C 343 -29.47 22.39 -3.54
N ILE C 344 -28.85 23.47 -3.07
CA ILE C 344 -28.11 23.40 -1.82
C ILE C 344 -29.05 23.24 -0.62
N ILE C 345 -30.24 23.88 -0.67
CA ILE C 345 -31.19 23.70 0.42
C ILE C 345 -31.79 22.31 0.41
N VAL C 346 -32.17 21.79 -0.76
CA VAL C 346 -32.77 20.46 -0.78
C VAL C 346 -31.74 19.41 -0.39
N CYS C 347 -30.47 19.60 -0.78
CA CYS C 347 -29.45 18.62 -0.46
C CYS C 347 -29.08 18.64 1.01
N TYR C 348 -28.88 19.82 1.59
CA TYR C 348 -28.57 19.85 3.02
C TYR C 348 -29.77 19.52 3.91
N THR C 349 -30.99 19.87 3.48
CA THR C 349 -32.16 19.51 4.27
C THR C 349 -32.38 18.00 4.26
N LEU C 350 -32.26 17.37 3.09
CA LEU C 350 -32.34 15.92 3.04
C LEU C 350 -31.19 15.28 3.81
N MET C 351 -30.02 15.93 3.81
CA MET C 351 -28.89 15.43 4.57
C MET C 351 -29.16 15.44 6.06
N ILE C 352 -29.81 16.48 6.57
CA ILE C 352 -30.12 16.54 8.00
C ILE C 352 -31.28 15.60 8.35
N LEU C 353 -32.25 15.46 7.44
CA LEU C 353 -33.36 14.54 7.70
C LEU C 353 -32.88 13.09 7.73
N ARG C 354 -31.89 12.75 6.90
CA ARG C 354 -31.29 11.43 7.00
C ARG C 354 -30.42 11.31 8.23
N LEU C 355 -29.68 12.37 8.57
CA LEU C 355 -28.68 12.27 9.62
C LEU C 355 -29.32 12.34 11.01
N LYS C 356 -30.61 12.70 11.08
CA LYS C 356 -31.32 12.59 12.35
C LYS C 356 -31.48 11.12 12.77
N SER C 357 -31.75 10.24 11.80
CA SER C 357 -32.05 8.85 12.13
C SER C 357 -30.80 8.05 12.47
N VAL C 358 -29.61 8.64 12.29
CA VAL C 358 -28.37 7.90 12.53
C VAL C 358 -28.16 7.72 14.02
N ARG C 359 -27.95 6.47 14.42
CA ARG C 359 -27.91 6.12 15.85
C ARG C 359 -26.62 6.62 16.50
N LEU C 360 -25.63 6.99 15.68
CA LEU C 360 -24.44 7.65 16.21
C LEU C 360 -24.67 9.15 16.40
N LEU C 361 -25.86 9.63 16.04
CA LEU C 361 -26.16 11.05 16.23
C LEU C 361 -27.37 11.27 17.12
N SER C 362 -28.25 10.28 17.21
CA SER C 362 -29.57 10.52 17.78
C SER C 362 -29.52 10.70 19.30
N GLY C 363 -29.15 9.66 20.04
CA GLY C 363 -29.18 9.73 21.50
C GLY C 363 -27.88 10.28 22.06
N SER C 364 -27.74 10.16 23.40
CA SER C 364 -26.47 10.40 24.09
C SER C 364 -25.96 11.82 23.89
N ARG C 365 -26.50 12.77 24.68
CA ARG C 365 -26.62 14.20 24.41
C ARG C 365 -25.44 14.79 23.63
N GLU C 366 -24.21 14.33 23.89
CA GLU C 366 -23.05 14.83 23.14
C GLU C 366 -23.16 14.50 21.65
N LYS C 367 -23.69 13.33 21.30
CA LYS C 367 -23.88 13.02 19.88
C LYS C 367 -25.02 13.83 19.30
N ASP C 368 -26.00 14.20 20.12
CA ASP C 368 -27.01 15.15 19.69
C ASP C 368 -26.39 16.54 19.47
N ARG C 369 -25.36 16.87 20.26
CA ARG C 369 -24.65 18.12 20.05
C ARG C 369 -23.86 18.08 18.76
N ASN C 370 -23.32 16.91 18.40
CA ASN C 370 -22.65 16.78 17.10
C ASN C 370 -23.64 16.96 15.96
N LEU C 371 -24.84 16.40 16.11
CA LEU C 371 -25.91 16.68 15.14
C LEU C 371 -26.23 18.16 15.07
N ARG C 372 -26.22 18.83 16.23
CA ARG C 372 -26.46 20.27 16.27
C ARG C 372 -25.37 21.04 15.54
N ARG C 373 -24.11 20.64 15.71
CA ARG C 373 -23.02 21.31 15.02
C ARG C 373 -23.11 21.11 13.51
N ILE C 374 -23.48 19.91 13.07
CA ILE C 374 -23.57 19.67 11.64
C ILE C 374 -24.73 20.46 11.02
N THR C 375 -25.90 20.45 11.66
CA THR C 375 -26.99 21.26 11.12
C THR C 375 -26.71 22.75 11.31
N ARG C 376 -25.86 23.11 12.27
CA ARG C 376 -25.46 24.49 12.46
C ARG C 376 -24.66 24.98 11.26
N LEU C 377 -23.65 24.22 10.84
CA LEU C 377 -22.83 24.71 9.73
C LEU C 377 -23.58 24.53 8.41
N VAL C 378 -24.56 23.62 8.37
CA VAL C 378 -25.51 23.61 7.25
C VAL C 378 -26.24 24.94 7.12
N LEU C 379 -26.82 25.43 8.23
CA LEU C 379 -27.49 26.73 8.18
C LEU C 379 -26.51 27.86 7.93
N VAL C 380 -25.26 27.74 8.41
CA VAL C 380 -24.28 28.79 8.14
C VAL C 380 -23.95 28.85 6.65
N VAL C 381 -23.77 27.70 6.01
CA VAL C 381 -23.46 27.69 4.58
C VAL C 381 -24.61 28.28 3.78
N VAL C 382 -25.83 27.80 4.03
CA VAL C 382 -26.98 28.27 3.25
C VAL C 382 -27.25 29.74 3.56
N ALA C 383 -27.09 30.14 4.83
CA ALA C 383 -27.36 31.51 5.23
C ALA C 383 -26.36 32.48 4.61
N VAL C 384 -25.06 32.15 4.65
CA VAL C 384 -24.06 33.03 4.07
C VAL C 384 -24.25 33.15 2.57
N PHE C 385 -24.54 32.04 1.88
CA PHE C 385 -24.74 32.12 0.44
C PHE C 385 -25.95 32.98 0.08
N VAL C 386 -27.06 32.80 0.81
CA VAL C 386 -28.26 33.59 0.54
C VAL C 386 -28.05 35.05 0.90
N VAL C 387 -27.45 35.32 2.06
CA VAL C 387 -27.25 36.69 2.53
C VAL C 387 -26.29 37.45 1.61
N CYS C 388 -25.32 36.75 1.03
CA CYS C 388 -24.41 37.44 0.12
C CYS C 388 -25.03 37.62 -1.26
N TRP C 389 -25.48 36.55 -1.90
CA TRP C 389 -25.88 36.72 -3.30
C TRP C 389 -27.31 37.21 -3.45
N THR C 390 -28.04 37.42 -2.35
CA THR C 390 -29.40 37.93 -2.50
C THR C 390 -29.47 39.42 -2.83
N PRO C 391 -28.86 40.35 -2.07
CA PRO C 391 -29.14 41.77 -2.33
C PRO C 391 -28.72 42.25 -3.71
N ILE C 392 -27.61 41.74 -4.23
CA ILE C 392 -27.18 42.20 -5.55
C ILE C 392 -28.04 41.60 -6.66
N HIS C 393 -28.46 40.34 -6.52
CA HIS C 393 -29.35 39.77 -7.52
C HIS C 393 -30.70 40.45 -7.53
N ILE C 394 -31.29 40.69 -6.35
CA ILE C 394 -32.59 41.34 -6.32
C ILE C 394 -32.45 42.80 -6.72
N PHE C 395 -31.30 43.43 -6.43
CA PHE C 395 -31.10 44.81 -6.78
C PHE C 395 -31.01 44.96 -8.29
N ILE C 396 -30.27 44.05 -8.94
CA ILE C 396 -30.16 44.05 -10.40
C ILE C 396 -31.50 43.80 -11.05
N LEU C 397 -32.31 42.91 -10.47
CA LEU C 397 -33.62 42.66 -11.06
C LEU C 397 -34.59 43.81 -10.80
N VAL C 398 -34.40 44.58 -9.72
CA VAL C 398 -35.17 45.80 -9.54
C VAL C 398 -34.80 46.83 -10.60
N GLU C 399 -33.51 47.02 -10.85
CA GLU C 399 -33.11 47.98 -11.89
C GLU C 399 -33.16 47.32 -13.28
N ALA C 400 -34.29 46.68 -13.56
CA ALA C 400 -34.70 46.33 -14.89
C ALA C 400 -35.53 47.44 -15.52
N LEU C 401 -35.46 48.66 -14.95
CA LEU C 401 -36.22 49.83 -15.36
C LEU C 401 -37.72 49.57 -15.34
N GLY C 402 -38.20 48.90 -14.29
CA GLY C 402 -39.62 48.67 -14.15
C GLY C 402 -40.40 49.94 -13.86
N SER C 403 -39.93 50.73 -12.90
CA SER C 403 -40.60 51.99 -12.55
C SER C 403 -39.57 52.89 -11.87
N THR C 404 -39.07 53.88 -12.63
CA THR C 404 -38.06 54.88 -12.24
C THR C 404 -36.96 54.31 -11.33
N SER C 405 -36.35 53.22 -11.79
CA SER C 405 -35.31 52.53 -11.03
C SER C 405 -33.96 53.22 -11.10
N HIS C 406 -33.89 54.47 -11.56
CA HIS C 406 -32.64 55.20 -11.70
C HIS C 406 -32.55 56.28 -10.63
N SER C 407 -31.50 56.24 -9.82
CA SER C 407 -31.24 57.29 -8.85
C SER C 407 -29.74 57.31 -8.55
N THR C 408 -29.25 58.50 -8.20
CA THR C 408 -27.81 58.67 -8.04
C THR C 408 -27.31 58.16 -6.70
N ALA C 409 -28.16 58.19 -5.68
CA ALA C 409 -27.75 57.74 -4.35
C ALA C 409 -27.77 56.22 -4.24
N ALA C 410 -28.41 55.54 -5.20
CA ALA C 410 -28.54 54.09 -5.13
C ALA C 410 -27.22 53.39 -5.48
N LEU C 411 -26.27 54.13 -6.06
CA LEU C 411 -25.03 53.51 -6.52
C LEU C 411 -24.17 53.02 -5.37
N SER C 412 -24.13 53.76 -4.25
CA SER C 412 -23.32 53.34 -3.11
C SER C 412 -23.84 52.03 -2.52
N SER C 413 -25.17 51.94 -2.36
CA SER C 413 -25.78 50.70 -1.91
C SER C 413 -25.56 49.57 -2.90
N TYR C 414 -25.62 49.89 -4.21
CA TYR C 414 -25.40 48.90 -5.26
C TYR C 414 -24.00 48.31 -5.19
N TYR C 415 -22.99 49.16 -5.00
CA TYR C 415 -21.63 48.65 -4.93
C TYR C 415 -21.37 47.96 -3.59
N PHE C 416 -22.10 48.34 -2.54
CA PHE C 416 -22.02 47.58 -1.29
C PHE C 416 -22.61 46.19 -1.46
N CYS C 417 -23.69 46.07 -2.23
CA CYS C 417 -24.26 44.77 -2.55
C CYS C 417 -23.27 43.93 -3.35
N ILE C 418 -22.56 44.57 -4.28
CA ILE C 418 -21.47 43.91 -5.01
C ILE C 418 -20.41 43.42 -4.02
N ALA C 419 -20.10 44.25 -3.02
CA ALA C 419 -19.09 43.89 -2.04
C ALA C 419 -19.52 42.68 -1.22
N LEU C 420 -20.81 42.58 -0.90
CA LEU C 420 -21.32 41.38 -0.21
C LEU C 420 -21.22 40.14 -1.11
N GLY C 421 -21.55 40.30 -2.39
CA GLY C 421 -21.44 39.18 -3.32
C GLY C 421 -20.02 38.67 -3.43
N TYR C 422 -19.04 39.58 -3.37
CA TYR C 422 -17.65 39.16 -3.33
C TYR C 422 -17.24 38.68 -1.95
N THR C 423 -17.95 39.13 -0.91
CA THR C 423 -17.66 38.70 0.45
C THR C 423 -17.98 37.23 0.63
N ASN C 424 -18.95 36.72 -0.14
CA ASN C 424 -19.17 35.27 -0.18
C ASN C 424 -17.89 34.53 -0.58
N SER C 425 -17.29 34.91 -1.70
CA SER C 425 -16.09 34.25 -2.19
C SER C 425 -14.94 34.45 -1.22
N SER C 426 -14.89 35.60 -0.57
CA SER C 426 -13.82 35.87 0.38
C SER C 426 -13.96 35.04 1.66
N LEU C 427 -15.20 34.73 2.04
CA LEU C 427 -15.42 33.96 3.26
C LEU C 427 -15.48 32.46 3.03
N ASN C 428 -15.65 32.00 1.79
CA ASN C 428 -15.65 30.56 1.53
C ASN C 428 -14.40 29.83 2.03
N PRO C 429 -13.17 30.35 1.89
CA PRO C 429 -12.05 29.74 2.64
C PRO C 429 -12.25 29.76 4.14
N ILE C 430 -12.66 30.90 4.70
CA ILE C 430 -12.85 31.00 6.15
C ILE C 430 -14.00 30.12 6.61
N LEU C 431 -15.09 30.08 5.83
CA LEU C 431 -16.26 29.30 6.23
C LEU C 431 -15.99 27.80 6.13
N TYR C 432 -15.22 27.38 5.13
CA TYR C 432 -15.06 25.95 4.88
C TYR C 432 -13.80 25.36 5.50
N ALA C 433 -12.62 25.91 5.17
CA ALA C 433 -11.38 25.29 5.64
C ALA C 433 -11.20 25.46 7.14
N PHE C 434 -11.48 26.65 7.66
CA PHE C 434 -11.19 26.93 9.06
C PHE C 434 -12.19 26.23 9.99
N LEU C 435 -13.39 25.92 9.49
CA LEU C 435 -14.43 25.43 10.40
C LEU C 435 -14.76 23.95 10.17
N ASP C 436 -14.31 23.34 9.08
CA ASP C 436 -14.61 21.94 8.88
C ASP C 436 -13.70 21.08 9.77
N GLU C 437 -14.06 19.80 9.91
CA GLU C 437 -13.39 18.98 10.90
C GLU C 437 -12.16 18.28 10.33
N ASN C 438 -11.77 18.62 9.10
CA ASN C 438 -10.42 18.31 8.62
C ASN C 438 -9.48 19.47 8.98
N PHE C 439 -9.56 19.87 10.25
CA PHE C 439 -8.63 20.83 10.83
C PHE C 439 -7.55 20.10 11.61
N LYS C 440 -7.61 18.77 11.65
CA LYS C 440 -6.67 17.95 12.42
C LYS C 440 -5.23 18.15 11.95
N ARG C 441 -5.06 18.49 10.68
CA ARG C 441 -3.81 19.03 10.13
C ARG C 441 -3.16 20.15 10.95
N ASP D 16 3.73 -35.51 44.17
CA ASP D 16 3.74 -34.13 44.67
C ASP D 16 5.16 -33.70 45.03
N GLN D 17 5.90 -34.59 45.68
CA GLN D 17 7.27 -34.27 46.09
C GLN D 17 8.21 -34.19 44.90
N LEU D 18 7.90 -34.92 43.83
CA LEU D 18 8.73 -34.88 42.63
C LEU D 18 8.62 -33.52 41.94
N ARG D 19 7.44 -32.90 42.00
CA ARG D 19 7.30 -31.54 41.49
C ARG D 19 8.10 -30.55 42.33
N GLN D 20 8.15 -30.78 43.63
CA GLN D 20 9.01 -29.98 44.51
C GLN D 20 10.48 -30.16 44.15
N GLU D 21 10.89 -31.39 43.84
CA GLU D 21 12.27 -31.63 43.42
C GLU D 21 12.56 -30.98 42.07
N ALA D 22 11.58 -30.97 41.16
CA ALA D 22 11.78 -30.31 39.87
C ALA D 22 11.94 -28.80 40.04
N GLU D 23 11.10 -28.19 40.90
CA GLU D 23 11.28 -26.77 41.20
C GLU D 23 12.60 -26.52 41.91
N GLN D 24 13.05 -27.48 42.73
CA GLN D 24 14.35 -27.39 43.37
C GLN D 24 15.47 -27.38 42.35
N LEU D 25 15.36 -28.21 41.31
CA LEU D 25 16.40 -28.26 40.31
C LEU D 25 16.37 -27.01 39.44
N LYS D 26 15.18 -26.44 39.24
CA LYS D 26 15.10 -25.12 38.59
C LYS D 26 15.82 -24.06 39.41
N ASN D 27 15.61 -24.07 40.74
CA ASN D 27 16.32 -23.15 41.62
C ASN D 27 17.82 -23.38 41.58
N GLN D 28 18.24 -24.65 41.52
CA GLN D 28 19.65 -24.98 41.41
C GLN D 28 20.24 -24.47 40.09
N ILE D 29 19.48 -24.58 39.00
CA ILE D 29 19.95 -24.12 37.70
C ILE D 29 20.12 -22.59 37.70
N ARG D 30 19.14 -21.86 38.25
CA ARG D 30 19.27 -20.41 38.25
C ARG D 30 20.33 -19.95 39.25
N ASP D 31 20.51 -20.68 40.35
CA ASP D 31 21.57 -20.34 41.29
C ASP D 31 22.95 -20.62 40.70
N ALA D 32 23.06 -21.65 39.86
CA ALA D 32 24.33 -21.90 39.18
C ALA D 32 24.56 -20.90 38.06
N ARG D 33 23.48 -20.38 37.47
CA ARG D 33 23.62 -19.27 36.52
C ARG D 33 24.17 -18.03 37.22
N LYS D 34 23.65 -17.71 38.41
CA LYS D 34 24.11 -16.54 39.14
C LYS D 34 25.51 -16.75 39.72
N ALA D 35 25.81 -17.98 40.14
CA ALA D 35 27.04 -18.23 40.88
C ALA D 35 28.27 -18.25 39.97
N CYS D 36 28.11 -18.75 38.74
CA CYS D 36 29.25 -18.84 37.83
C CYS D 36 29.55 -17.49 37.18
N ALA D 37 28.72 -16.48 37.42
CA ALA D 37 28.90 -15.16 36.84
C ALA D 37 29.30 -14.18 37.93
N ASP D 38 30.45 -13.54 37.75
CA ASP D 38 30.88 -12.43 38.58
C ASP D 38 31.47 -11.30 37.72
N ALA D 39 31.03 -11.20 36.47
CA ALA D 39 31.64 -10.24 35.55
C ALA D 39 31.28 -8.80 35.92
N THR D 40 30.02 -8.57 36.31
CA THR D 40 29.45 -7.23 36.53
C THR D 40 29.68 -6.35 35.29
N LEU D 41 28.94 -6.72 34.24
CA LEU D 41 29.24 -6.32 32.86
C LEU D 41 29.21 -4.80 32.66
N SER D 42 28.60 -4.05 33.59
CA SER D 42 28.67 -2.59 33.52
C SER D 42 30.10 -2.08 33.64
N GLN D 43 30.96 -2.84 34.31
CA GLN D 43 32.37 -2.48 34.37
C GLN D 43 33.07 -2.77 33.04
N ILE D 44 32.75 -3.90 32.42
CA ILE D 44 33.44 -4.33 31.20
C ILE D 44 33.04 -3.46 30.01
N THR D 45 31.78 -3.00 29.99
CA THR D 45 31.22 -2.45 28.76
C THR D 45 31.87 -1.14 28.34
N ASN D 46 32.37 -0.35 29.30
CA ASN D 46 32.77 1.02 29.00
C ASN D 46 34.13 1.10 28.32
N ASN D 47 34.79 -0.04 28.13
CA ASN D 47 36.18 -0.04 27.64
C ASN D 47 36.26 0.41 26.19
N ILE D 48 35.41 -0.11 25.32
CA ILE D 48 35.54 0.17 23.90
C ILE D 48 34.96 1.54 23.60
N ASP D 49 35.44 2.17 22.52
CA ASP D 49 35.03 3.51 22.18
C ASP D 49 33.60 3.51 21.64
N PRO D 50 32.86 4.61 21.84
CA PRO D 50 31.52 4.70 21.27
C PRO D 50 31.56 4.78 19.75
N VAL D 51 30.42 4.47 19.13
CA VAL D 51 30.36 4.45 17.68
C VAL D 51 29.94 5.80 17.13
N GLY D 52 29.29 6.61 17.97
CA GLY D 52 28.93 7.96 17.59
C GLY D 52 27.55 8.06 16.97
N ARG D 53 27.09 9.29 16.78
CA ARG D 53 25.77 9.54 16.23
C ARG D 53 25.71 9.10 14.78
N ILE D 54 24.99 8.02 14.52
CA ILE D 54 24.96 7.40 13.21
C ILE D 54 23.69 7.90 12.55
N GLN D 55 23.81 8.89 11.68
CA GLN D 55 22.64 9.49 11.04
C GLN D 55 22.26 8.68 9.80
N MET D 56 21.42 7.66 10.01
CA MET D 56 20.74 7.06 8.87
C MET D 56 19.83 8.09 8.22
N ARG D 57 19.80 8.07 6.88
CA ARG D 57 18.92 8.93 6.12
C ARG D 57 18.14 8.09 5.12
N THR D 58 16.87 8.43 4.94
CA THR D 58 15.97 7.64 4.10
C THR D 58 16.34 7.82 2.61
N ARG D 59 17.12 6.86 2.11
CA ARG D 59 17.61 6.95 0.74
C ARG D 59 16.51 6.65 -0.25
N ARG D 60 15.78 5.56 -0.04
CA ARG D 60 14.68 5.18 -0.91
C ARG D 60 13.43 4.93 -0.08
N THR D 61 12.30 5.33 -0.64
CA THR D 61 11.00 5.14 -0.01
C THR D 61 10.13 4.33 -0.97
N LEU D 62 9.58 3.24 -0.46
CA LEU D 62 9.00 2.19 -1.30
C LEU D 62 7.50 2.20 -1.14
N ARG D 63 6.82 2.86 -2.06
CA ARG D 63 5.45 3.30 -1.86
C ARG D 63 4.54 2.49 -2.77
N GLY D 64 4.14 1.31 -2.32
CA GLY D 64 3.13 0.59 -3.06
C GLY D 64 2.18 -0.21 -2.21
N HIS D 65 2.38 -0.21 -0.90
CA HIS D 65 1.51 -0.97 -0.03
C HIS D 65 0.32 -0.10 0.38
N LEU D 66 -0.88 -0.63 0.17
CA LEU D 66 -2.11 0.09 0.44
C LEU D 66 -2.68 -0.24 1.79
N ALA D 67 -1.90 -0.84 2.67
CA ALA D 67 -2.40 -1.31 3.95
C ALA D 67 -1.21 -1.57 4.87
N LYS D 68 -1.51 -2.07 6.06
CA LYS D 68 -0.47 -2.28 7.05
C LYS D 68 0.44 -3.43 6.65
N ILE D 69 1.74 -3.31 6.93
CA ILE D 69 2.70 -4.33 6.51
C ILE D 69 3.37 -4.87 7.77
N TYR D 70 3.54 -6.19 7.84
CA TYR D 70 4.06 -6.78 9.07
C TYR D 70 5.47 -7.33 8.93
N ALA D 71 5.81 -7.90 7.78
CA ALA D 71 7.15 -8.46 7.68
C ALA D 71 7.83 -8.06 6.39
N MET D 72 9.16 -7.94 6.45
CA MET D 72 10.03 -7.89 5.30
C MET D 72 11.23 -8.78 5.55
N HIS D 73 11.80 -9.32 4.49
CA HIS D 73 13.06 -10.07 4.55
C HIS D 73 13.97 -9.66 3.40
N TRP D 74 15.27 -9.64 3.67
CA TRP D 74 16.26 -9.24 2.68
C TRP D 74 16.76 -10.42 1.87
N GLY D 75 17.41 -10.12 0.75
CA GLY D 75 18.14 -11.14 0.03
C GLY D 75 19.60 -11.19 0.44
N THR D 76 20.25 -12.27 0.01
CA THR D 76 21.69 -12.37 0.23
C THR D 76 22.47 -11.61 -0.82
N ASP D 77 21.82 -11.25 -1.94
CA ASP D 77 22.45 -10.36 -2.89
C ASP D 77 22.38 -8.91 -2.45
N SER D 78 21.61 -8.65 -1.39
CA SER D 78 21.44 -7.37 -0.73
C SER D 78 20.83 -6.33 -1.66
N ARG D 79 20.00 -6.75 -2.60
CA ARG D 79 19.31 -5.83 -3.48
C ARG D 79 17.81 -6.11 -3.58
N LEU D 80 17.37 -7.33 -3.33
CA LEU D 80 15.96 -7.64 -3.35
C LEU D 80 15.49 -7.84 -1.93
N LEU D 81 14.35 -7.25 -1.59
CA LEU D 81 13.71 -7.46 -0.29
C LEU D 81 12.24 -7.83 -0.52
N VAL D 82 11.79 -8.85 0.16
CA VAL D 82 10.39 -9.21 0.09
C VAL D 82 9.63 -8.43 1.15
N SER D 83 8.35 -8.16 0.91
CA SER D 83 7.56 -7.35 1.82
C SER D 83 6.16 -7.94 1.94
N ALA D 84 5.71 -8.13 3.18
CA ALA D 84 4.42 -8.74 3.47
C ALA D 84 3.47 -7.69 4.02
N SER D 85 2.21 -7.75 3.61
CA SER D 85 1.25 -6.72 3.96
C SER D 85 -0.13 -7.33 4.15
N GLN D 86 -0.98 -6.63 4.91
CA GLN D 86 -2.29 -7.18 5.24
C GLN D 86 -3.28 -7.07 4.10
N ASP D 87 -2.96 -6.38 3.01
CA ASP D 87 -3.89 -6.34 1.89
C ASP D 87 -3.77 -7.55 0.99
N GLY D 88 -2.86 -8.47 1.31
CA GLY D 88 -2.72 -9.68 0.55
C GLY D 88 -1.70 -9.62 -0.56
N LYS D 89 -0.55 -8.99 -0.34
CA LYS D 89 0.45 -8.82 -1.38
C LYS D 89 1.84 -9.06 -0.81
N LEU D 90 2.65 -9.80 -1.56
CA LEU D 90 4.09 -9.88 -1.36
C LEU D 90 4.74 -9.14 -2.52
N ILE D 91 5.76 -8.34 -2.22
CA ILE D 91 6.43 -7.53 -3.24
C ILE D 91 7.93 -7.73 -3.08
N ILE D 92 8.63 -7.98 -4.20
CA ILE D 92 10.02 -8.42 -4.12
C ILE D 92 11.00 -7.24 -4.29
N TRP D 93 10.52 -6.09 -4.79
CA TRP D 93 11.14 -4.80 -4.47
C TRP D 93 12.62 -4.60 -4.78
N ASP D 94 12.99 -4.37 -6.04
CA ASP D 94 14.36 -3.98 -6.39
C ASP D 94 14.75 -2.76 -5.57
N SER D 95 15.67 -2.94 -4.62
CA SER D 95 15.94 -1.91 -3.62
C SER D 95 16.79 -0.77 -4.17
N TYR D 96 17.64 -1.05 -5.15
CA TYR D 96 18.54 -0.01 -5.66
C TYR D 96 17.77 1.03 -6.46
N THR D 97 16.79 0.59 -7.24
CA THR D 97 16.08 1.46 -8.15
C THR D 97 14.63 1.68 -7.78
N THR D 98 14.17 1.13 -6.64
CA THR D 98 12.79 1.19 -6.16
C THR D 98 11.82 0.67 -7.24
N ASN D 99 12.20 -0.43 -7.88
CA ASN D 99 11.33 -1.09 -8.82
C ASN D 99 10.63 -2.26 -8.15
N LYS D 100 9.34 -2.37 -8.38
CA LYS D 100 8.60 -3.55 -7.97
C LYS D 100 8.84 -4.64 -8.97
N VAL D 101 9.74 -5.56 -8.64
CA VAL D 101 9.76 -6.89 -9.21
C VAL D 101 8.79 -7.76 -8.40
N HIS D 102 7.95 -8.51 -9.12
CA HIS D 102 7.20 -9.64 -8.54
C HIS D 102 6.29 -9.23 -7.38
N ALA D 103 5.18 -8.59 -7.71
CA ALA D 103 4.11 -8.49 -6.72
C ALA D 103 3.30 -9.78 -6.69
N ILE D 104 3.23 -10.40 -5.53
CA ILE D 104 2.68 -11.74 -5.36
C ILE D 104 1.32 -11.62 -4.67
N PRO D 105 0.23 -12.03 -5.31
CA PRO D 105 -1.08 -11.97 -4.64
C PRO D 105 -1.35 -13.17 -3.75
N LEU D 106 -1.57 -12.92 -2.47
CA LEU D 106 -1.73 -13.99 -1.50
C LEU D 106 -3.15 -14.52 -1.47
N ARG D 107 -3.30 -15.70 -0.87
CA ARG D 107 -4.62 -16.30 -0.71
C ARG D 107 -5.23 -15.89 0.62
N SER D 108 -4.40 -15.64 1.62
CA SER D 108 -4.85 -15.16 2.92
C SER D 108 -4.21 -13.80 3.18
N SER D 109 -5.06 -12.78 3.37
CA SER D 109 -4.56 -11.43 3.57
C SER D 109 -3.93 -11.26 4.95
N TRP D 110 -4.07 -12.24 5.82
CA TRP D 110 -3.60 -12.13 7.20
C TRP D 110 -2.27 -12.86 7.29
N VAL D 111 -1.18 -12.12 7.03
CA VAL D 111 0.16 -12.68 7.03
C VAL D 111 1.06 -11.88 7.96
N MET D 112 1.47 -12.50 9.05
CA MET D 112 2.28 -11.82 10.05
C MET D 112 3.76 -12.10 9.89
N THR D 113 4.16 -12.79 8.84
CA THR D 113 5.56 -13.15 8.64
C THR D 113 5.88 -13.27 7.17
N CYS D 114 7.18 -13.27 6.88
CA CYS D 114 7.64 -13.36 5.51
C CYS D 114 9.09 -13.81 5.48
N ALA D 115 9.43 -14.62 4.49
CA ALA D 115 10.76 -15.18 4.36
C ALA D 115 11.21 -15.13 2.91
N TYR D 116 12.51 -15.09 2.71
CA TYR D 116 13.12 -14.96 1.39
C TYR D 116 14.34 -15.85 1.34
N ALA D 117 14.36 -16.77 0.38
CA ALA D 117 15.33 -17.86 0.37
C ALA D 117 16.74 -17.33 0.15
N PRO D 118 17.75 -17.94 0.79
CA PRO D 118 19.14 -17.54 0.52
C PRO D 118 19.56 -17.80 -0.91
N SER D 119 18.90 -18.75 -1.58
CA SER D 119 19.17 -18.99 -3.00
C SER D 119 18.43 -18.01 -3.88
N GLY D 120 17.48 -17.27 -3.30
CA GLY D 120 16.71 -16.32 -4.06
C GLY D 120 15.66 -16.93 -4.95
N ASN D 121 15.39 -18.22 -4.82
CA ASN D 121 14.41 -18.89 -5.65
C ASN D 121 13.01 -18.89 -5.05
N TYR D 122 12.89 -18.69 -3.73
CA TYR D 122 11.65 -18.95 -3.02
C TYR D 122 11.35 -17.85 -2.03
N VAL D 123 10.06 -17.62 -1.78
CA VAL D 123 9.60 -16.81 -0.65
C VAL D 123 8.58 -17.61 0.15
N ALA D 124 8.60 -17.41 1.46
CA ALA D 124 7.65 -18.03 2.38
C ALA D 124 6.94 -16.95 3.18
N CYS D 125 5.64 -17.10 3.36
CA CYS D 125 4.85 -16.21 4.20
C CYS D 125 3.64 -16.97 4.72
N GLY D 126 3.14 -16.55 5.88
CA GLY D 126 1.94 -17.14 6.45
C GLY D 126 1.43 -16.30 7.59
N GLY D 127 0.35 -16.77 8.20
CA GLY D 127 -0.31 -16.02 9.25
C GLY D 127 -1.50 -16.73 9.87
N LEU D 128 -2.63 -16.04 9.96
CA LEU D 128 -3.83 -16.58 10.58
C LEU D 128 -4.41 -17.75 9.79
N ASP D 129 -3.97 -17.97 8.54
CA ASP D 129 -4.42 -19.12 7.77
C ASP D 129 -3.77 -20.41 8.23
N ASN D 130 -2.80 -20.33 9.15
CA ASN D 130 -2.06 -21.44 9.74
C ASN D 130 -1.24 -22.21 8.71
N ILE D 131 -0.82 -21.57 7.62
CA ILE D 131 -0.15 -22.21 6.51
C ILE D 131 1.03 -21.32 6.09
N CYS D 132 2.22 -21.90 6.01
CA CYS D 132 3.37 -21.19 5.41
C CYS D 132 3.43 -21.62 3.95
N SER D 133 2.84 -20.83 3.07
CA SER D 133 2.93 -21.11 1.65
C SER D 133 4.33 -20.76 1.15
N ILE D 134 4.84 -21.58 0.24
CA ILE D 134 6.14 -21.36 -0.39
C ILE D 134 5.89 -21.01 -1.84
N TYR D 135 6.49 -19.93 -2.31
CA TYR D 135 6.25 -19.43 -3.65
C TYR D 135 7.52 -19.55 -4.47
N ASN D 136 7.39 -20.01 -5.71
CA ASN D 136 8.54 -20.19 -6.59
C ASN D 136 8.75 -18.93 -7.39
N LEU D 137 9.84 -18.22 -7.12
CA LEU D 137 10.13 -16.99 -7.85
C LEU D 137 10.69 -17.29 -9.24
N LYS D 138 11.88 -17.90 -9.27
CA LYS D 138 12.58 -18.16 -10.51
C LYS D 138 12.00 -19.41 -11.13
N THR D 139 11.12 -19.22 -12.10
CA THR D 139 10.45 -20.35 -12.72
C THR D 139 10.15 -20.03 -14.17
N ARG D 140 10.08 -21.07 -14.99
CA ARG D 140 9.41 -20.94 -16.27
C ARG D 140 7.92 -20.81 -16.04
N GLU D 141 7.21 -20.46 -17.11
CA GLU D 141 5.83 -19.98 -17.20
C GLU D 141 5.70 -18.54 -16.71
N GLY D 142 6.77 -17.95 -16.19
CA GLY D 142 6.79 -16.54 -15.89
C GLY D 142 6.37 -16.13 -14.50
N ASN D 143 5.08 -16.25 -14.20
CA ASN D 143 4.55 -15.72 -12.95
C ASN D 143 5.00 -16.54 -11.75
N VAL D 144 4.94 -15.93 -10.57
CA VAL D 144 5.28 -16.63 -9.34
C VAL D 144 4.17 -17.60 -8.98
N ARG D 145 4.51 -18.88 -8.91
CA ARG D 145 3.58 -19.93 -8.52
C ARG D 145 3.76 -20.22 -7.04
N VAL D 146 2.73 -20.83 -6.46
CA VAL D 146 2.84 -21.35 -5.09
C VAL D 146 3.28 -22.81 -5.20
N SER D 147 4.36 -23.16 -4.51
CA SER D 147 4.90 -24.50 -4.63
C SER D 147 4.30 -25.42 -3.56
N ARG D 148 4.52 -25.08 -2.29
CA ARG D 148 4.16 -25.96 -1.19
C ARG D 148 3.42 -25.17 -0.11
N GLU D 149 2.18 -25.56 0.17
CA GLU D 149 1.44 -25.05 1.32
C GLU D 149 1.71 -25.98 2.49
N LEU D 150 2.35 -25.47 3.52
CA LEU D 150 2.77 -26.29 4.65
C LEU D 150 1.69 -26.25 5.72
N ALA D 151 0.82 -27.25 5.72
CA ALA D 151 -0.23 -27.40 6.71
C ALA D 151 0.22 -28.36 7.81
N GLY D 152 -0.31 -28.15 9.00
CA GLY D 152 0.06 -28.98 10.14
C GLY D 152 0.13 -28.22 11.44
N HIS D 153 0.40 -26.92 11.37
CA HIS D 153 0.15 -26.06 12.51
C HIS D 153 -1.34 -25.75 12.65
N THR D 154 -1.73 -25.39 13.87
CA THR D 154 -3.10 -25.02 14.16
C THR D 154 -3.24 -23.56 14.61
N GLY D 155 -2.17 -22.96 15.14
CA GLY D 155 -2.18 -21.56 15.46
C GLY D 155 -1.68 -20.70 14.32
N TYR D 156 -1.72 -19.38 14.54
CA TYR D 156 -1.20 -18.44 13.56
C TYR D 156 0.30 -18.60 13.44
N LEU D 157 0.83 -18.37 12.25
CA LEU D 157 2.26 -18.54 12.00
C LEU D 157 2.96 -17.21 12.17
N SER D 158 3.91 -17.16 13.10
CA SER D 158 4.50 -15.89 13.45
C SER D 158 5.83 -15.67 12.75
N CYS D 159 6.49 -16.74 12.31
CA CYS D 159 7.79 -16.60 11.68
C CYS D 159 8.04 -17.76 10.76
N CYS D 160 8.54 -17.48 9.55
CA CYS D 160 9.03 -18.47 8.61
C CYS D 160 10.45 -18.08 8.23
N ARG D 161 11.36 -19.06 8.16
CA ARG D 161 12.76 -18.81 7.83
C ARG D 161 13.32 -19.99 7.05
N PHE D 162 13.96 -19.72 5.91
CA PHE D 162 14.59 -20.74 5.09
C PHE D 162 15.96 -21.14 5.64
N LEU D 163 16.13 -22.43 5.89
CA LEU D 163 17.45 -22.99 6.12
C LEU D 163 18.15 -23.28 4.79
N ASP D 164 17.37 -23.50 3.75
CA ASP D 164 17.82 -24.14 2.51
C ASP D 164 16.64 -24.01 1.57
N ASP D 165 16.84 -24.39 0.29
CA ASP D 165 15.73 -24.40 -0.64
C ASP D 165 14.71 -25.50 -0.31
N ASN D 166 15.09 -26.45 0.55
CA ASN D 166 14.22 -27.54 0.93
C ASN D 166 14.10 -27.70 2.44
N GLN D 167 14.46 -26.68 3.22
CA GLN D 167 14.33 -26.72 4.67
C GLN D 167 13.85 -25.37 5.18
N ILE D 168 12.61 -25.33 5.63
CA ILE D 168 11.94 -24.13 6.13
C ILE D 168 11.63 -24.36 7.60
N VAL D 169 11.95 -23.39 8.45
CA VAL D 169 11.64 -23.49 9.87
C VAL D 169 10.56 -22.46 10.19
N THR D 170 9.46 -22.94 10.76
CA THR D 170 8.29 -22.12 11.03
C THR D 170 7.97 -22.18 12.52
N SER D 171 7.54 -21.07 13.08
CA SER D 171 7.05 -21.01 14.45
C SER D 171 5.64 -20.48 14.43
N SER D 172 4.84 -20.84 15.44
CA SER D 172 3.43 -20.58 15.34
C SER D 172 2.80 -20.20 16.68
N GLY D 173 1.54 -19.80 16.60
CA GLY D 173 0.74 -19.51 17.76
C GLY D 173 0.05 -20.72 18.35
N ASP D 174 0.41 -21.93 17.92
CA ASP D 174 0.01 -23.10 18.68
C ASP D 174 1.13 -23.59 19.58
N THR D 175 2.03 -22.70 19.99
CA THR D 175 3.15 -22.91 20.89
C THR D 175 4.18 -23.91 20.37
N THR D 176 4.17 -24.23 19.07
CA THR D 176 5.04 -25.25 18.51
C THR D 176 5.79 -24.69 17.30
N CYS D 177 7.12 -24.64 17.40
CA CYS D 177 7.99 -24.47 16.24
C CYS D 177 8.06 -25.79 15.51
N ALA D 178 8.11 -25.75 14.18
CA ALA D 178 8.25 -26.96 13.39
C ALA D 178 9.23 -26.74 12.26
N LEU D 179 10.07 -27.74 12.02
CA LEU D 179 10.95 -27.76 10.86
C LEU D 179 10.34 -28.67 9.81
N TRP D 180 10.50 -28.31 8.55
CA TRP D 180 9.73 -28.92 7.48
C TRP D 180 10.64 -29.37 6.36
N ASP D 181 10.14 -30.32 5.56
CA ASP D 181 10.74 -30.67 4.28
C ASP D 181 9.80 -30.19 3.19
N ILE D 182 10.26 -29.23 2.38
CA ILE D 182 9.37 -28.58 1.43
C ILE D 182 8.94 -29.54 0.34
N GLU D 183 9.82 -30.48 -0.02
CA GLU D 183 9.51 -31.41 -1.12
C GLU D 183 8.37 -32.33 -0.74
N THR D 184 8.47 -32.98 0.43
CA THR D 184 7.39 -33.85 0.89
C THR D 184 6.20 -33.04 1.40
N GLY D 185 6.46 -31.99 2.17
CA GLY D 185 5.40 -31.17 2.72
C GLY D 185 5.03 -31.48 4.15
N GLN D 186 5.79 -32.33 4.83
CA GLN D 186 5.49 -32.73 6.20
C GLN D 186 6.62 -32.32 7.12
N GLN D 187 6.29 -32.19 8.40
CA GLN D 187 7.25 -31.72 9.39
C GLN D 187 8.34 -32.76 9.60
N THR D 188 9.57 -32.38 9.29
CA THR D 188 10.71 -33.21 9.70
C THR D 188 10.81 -33.27 11.21
N THR D 189 10.68 -32.13 11.87
CA THR D 189 10.72 -32.06 13.32
C THR D 189 9.64 -31.11 13.79
N THR D 190 9.12 -31.35 14.99
CA THR D 190 8.35 -30.37 15.72
C THR D 190 9.10 -30.03 17.00
N PHE D 191 8.98 -28.79 17.45
CA PHE D 191 9.72 -28.30 18.60
C PHE D 191 8.72 -27.86 19.65
N THR D 192 8.43 -28.76 20.60
CA THR D 192 7.38 -28.55 21.58
C THR D 192 8.01 -28.36 22.95
N GLY D 193 8.31 -27.12 23.30
CA GLY D 193 8.74 -26.82 24.66
C GLY D 193 8.19 -25.50 25.16
N HIS D 194 7.47 -24.80 24.30
CA HIS D 194 6.90 -23.51 24.62
C HIS D 194 5.47 -23.66 25.13
N THR D 195 5.13 -22.90 26.16
CA THR D 195 3.80 -22.87 26.72
C THR D 195 2.96 -21.71 26.20
N GLY D 196 3.57 -20.58 25.87
CA GLY D 196 2.86 -19.46 25.30
C GLY D 196 3.04 -19.43 23.81
N ASP D 197 2.30 -18.51 23.17
CA ASP D 197 2.29 -18.43 21.71
C ASP D 197 3.64 -17.96 21.22
N VAL D 198 4.16 -18.63 20.18
CA VAL D 198 5.54 -18.40 19.79
C VAL D 198 5.57 -17.29 18.76
N MET D 199 6.36 -16.25 19.02
CA MET D 199 6.24 -15.04 18.22
C MET D 199 7.42 -14.72 17.32
N SER D 200 8.54 -15.42 17.42
CA SER D 200 9.68 -15.06 16.58
C SER D 200 10.63 -16.24 16.43
N LEU D 201 11.56 -16.10 15.48
CA LEU D 201 12.61 -17.08 15.20
C LEU D 201 13.86 -16.36 14.72
N SER D 202 14.97 -17.08 14.73
CA SER D 202 16.22 -16.62 14.14
C SER D 202 17.03 -17.85 13.78
N LEU D 203 17.42 -17.98 12.53
CA LEU D 203 18.36 -19.02 12.15
C LEU D 203 19.78 -18.57 12.42
N ALA D 204 20.63 -19.51 12.80
CA ALA D 204 22.02 -19.21 13.07
C ALA D 204 22.77 -18.98 11.77
N PRO D 205 23.90 -18.27 11.82
CA PRO D 205 24.75 -18.17 10.62
C PRO D 205 25.21 -19.52 10.08
N ASP D 206 25.55 -20.47 10.95
CA ASP D 206 25.98 -21.78 10.48
C ASP D 206 24.78 -22.66 10.13
N THR D 207 23.57 -22.19 10.43
CA THR D 207 22.27 -22.80 10.09
C THR D 207 22.10 -24.22 10.58
N ARG D 208 22.47 -24.52 11.83
CA ARG D 208 22.04 -25.75 12.47
C ARG D 208 21.36 -25.50 13.81
N LEU D 209 21.63 -24.37 14.45
CA LEU D 209 20.93 -23.94 15.64
C LEU D 209 19.88 -22.92 15.22
N PHE D 210 18.80 -22.82 15.98
CA PHE D 210 17.90 -21.69 15.84
C PHE D 210 17.23 -21.39 17.17
N VAL D 211 17.09 -20.11 17.45
CA VAL D 211 16.51 -19.62 18.70
C VAL D 211 15.09 -19.15 18.40
N SER D 212 14.25 -19.12 19.44
CA SER D 212 12.84 -18.82 19.29
C SER D 212 12.34 -18.03 20.48
N GLY D 213 11.39 -17.15 20.23
CA GLY D 213 10.79 -16.33 21.28
C GLY D 213 9.29 -16.53 21.30
N ALA D 214 8.70 -16.52 22.50
CA ALA D 214 7.30 -16.84 22.66
C ALA D 214 6.65 -15.89 23.65
N CYS D 215 5.31 -15.96 23.71
CA CYS D 215 4.56 -15.11 24.63
C CYS D 215 4.76 -15.48 26.09
N ASP D 216 5.30 -16.66 26.37
CA ASP D 216 5.51 -17.05 27.76
C ASP D 216 6.78 -16.47 28.35
N ALA D 217 7.37 -15.44 27.72
CA ALA D 217 8.55 -14.70 28.15
C ALA D 217 9.79 -15.56 28.26
N SER D 218 9.82 -16.70 27.58
CA SER D 218 10.97 -17.61 27.59
C SER D 218 11.49 -17.77 26.17
N ALA D 219 12.80 -17.65 26.01
CA ALA D 219 13.44 -17.79 24.71
C ALA D 219 14.27 -19.07 24.68
N LYS D 220 13.95 -19.96 23.76
CA LYS D 220 14.56 -21.28 23.73
C LYS D 220 15.43 -21.46 22.50
N LEU D 221 16.66 -21.90 22.73
CA LEU D 221 17.54 -22.37 21.67
C LEU D 221 17.00 -23.71 21.18
N TRP D 222 17.26 -24.05 19.93
CA TRP D 222 16.92 -25.36 19.42
C TRP D 222 18.04 -25.91 18.55
N ASP D 223 17.91 -27.18 18.19
CA ASP D 223 18.76 -27.82 17.19
C ASP D 223 17.89 -28.30 16.05
N VAL D 224 18.51 -28.58 14.91
CA VAL D 224 17.75 -29.09 13.77
C VAL D 224 17.67 -30.61 13.82
N ARG D 225 18.82 -31.28 13.91
CA ARG D 225 18.81 -32.74 13.93
C ARG D 225 18.32 -33.28 15.26
N GLU D 226 18.77 -32.69 16.37
CA GLU D 226 18.35 -33.16 17.69
C GLU D 226 16.86 -32.93 17.92
N GLY D 227 16.38 -31.73 17.60
CA GLY D 227 14.97 -31.44 17.78
C GLY D 227 14.53 -31.17 19.19
N MET D 228 15.47 -30.94 20.11
CA MET D 228 15.14 -30.66 21.49
C MET D 228 15.76 -29.33 21.90
N CYS D 229 15.07 -28.62 22.78
CA CYS D 229 15.56 -27.33 23.25
C CYS D 229 16.79 -27.56 24.12
N ARG D 230 17.93 -27.06 23.68
CA ARG D 230 19.14 -27.16 24.49
C ARG D 230 19.07 -26.24 25.69
N GLN D 231 18.58 -25.02 25.48
CA GLN D 231 18.66 -23.96 26.46
C GLN D 231 17.36 -23.16 26.42
N THR D 232 17.04 -22.52 27.54
CA THR D 232 15.86 -21.66 27.63
C THR D 232 16.22 -20.40 28.39
N PHE D 233 15.96 -19.25 27.78
CA PHE D 233 16.38 -17.96 28.30
C PHE D 233 15.18 -17.18 28.78
N THR D 234 15.24 -16.72 30.03
CA THR D 234 14.18 -15.93 30.64
C THR D 234 14.75 -14.59 31.09
N GLY D 235 13.86 -13.72 31.56
CA GLY D 235 14.28 -12.41 32.01
C GLY D 235 13.32 -11.32 31.60
N HIS D 236 12.64 -11.49 30.48
CA HIS D 236 11.61 -10.55 30.10
C HIS D 236 10.33 -10.82 30.88
N GLU D 237 9.54 -9.78 31.08
CA GLU D 237 8.31 -9.88 31.86
C GLU D 237 7.05 -9.89 31.00
N SER D 238 7.18 -9.80 29.69
CA SER D 238 6.03 -9.86 28.82
C SER D 238 6.38 -10.72 27.61
N ASP D 239 5.50 -10.68 26.62
CA ASP D 239 5.71 -11.38 25.36
C ASP D 239 7.01 -10.91 24.72
N ILE D 240 7.69 -11.82 24.01
CA ILE D 240 8.85 -11.48 23.21
C ILE D 240 8.40 -11.45 21.75
N ASN D 241 8.54 -10.28 21.13
CA ASN D 241 7.89 -10.02 19.84
C ASN D 241 8.82 -10.29 18.67
N ALA D 242 10.13 -10.16 18.89
CA ALA D 242 11.10 -10.37 17.83
C ALA D 242 12.45 -10.78 18.40
N ILE D 243 13.09 -11.74 17.74
CA ILE D 243 14.35 -12.28 18.20
C ILE D 243 15.28 -12.36 16.98
N CYS D 244 16.59 -12.25 17.21
CA CYS D 244 17.56 -12.27 16.12
C CYS D 244 18.95 -12.57 16.67
N PHE D 245 19.69 -13.45 15.97
CA PHE D 245 21.08 -13.73 16.31
C PHE D 245 22.03 -12.57 16.04
N PHE D 246 23.01 -12.45 16.92
CA PHE D 246 24.25 -11.77 16.60
C PHE D 246 24.91 -12.46 15.42
N PRO D 247 25.58 -11.72 14.53
CA PRO D 247 26.15 -12.35 13.33
C PRO D 247 27.27 -13.34 13.62
N ASN D 248 27.90 -13.29 14.79
CA ASN D 248 28.83 -14.35 15.16
C ASN D 248 28.12 -15.67 15.36
N GLY D 249 26.84 -15.62 15.73
CA GLY D 249 26.05 -16.79 16.02
C GLY D 249 26.05 -17.21 17.47
N ASN D 250 26.98 -16.71 18.27
CA ASN D 250 27.12 -17.09 19.66
C ASN D 250 26.34 -16.18 20.61
N ALA D 251 25.42 -15.37 20.08
CA ALA D 251 24.56 -14.52 20.90
C ALA D 251 23.31 -14.19 20.12
N PHE D 252 22.31 -13.66 20.81
CA PHE D 252 21.13 -13.14 20.14
C PHE D 252 20.52 -12.04 20.99
N ALA D 253 19.57 -11.32 20.40
CA ALA D 253 18.86 -10.28 21.09
C ALA D 253 17.37 -10.43 20.88
N THR D 254 16.61 -10.13 21.92
CA THR D 254 15.18 -10.32 21.94
C THR D 254 14.46 -8.98 22.00
N GLY D 255 13.29 -8.94 21.41
CA GLY D 255 12.45 -7.75 21.46
C GLY D 255 11.12 -8.04 22.10
N SER D 256 10.83 -7.40 23.21
CA SER D 256 9.69 -7.77 24.05
C SER D 256 8.66 -6.65 24.11
N ASP D 257 7.43 -7.01 24.49
CA ASP D 257 6.44 -5.99 24.82
C ASP D 257 6.73 -5.32 26.16
N ASP D 258 7.73 -5.82 26.89
CA ASP D 258 8.24 -5.30 28.16
C ASP D 258 8.73 -3.86 28.01
N ALA D 259 9.03 -3.42 26.78
CA ALA D 259 9.76 -2.21 26.39
C ALA D 259 11.24 -2.30 26.72
N THR D 260 11.79 -3.50 26.74
CA THR D 260 13.21 -3.72 26.84
C THR D 260 13.65 -4.62 25.69
N CYS D 261 14.93 -4.50 25.34
CA CYS D 261 15.62 -5.46 24.50
C CYS D 261 16.78 -6.04 25.29
N ARG D 262 16.93 -7.35 25.25
CA ARG D 262 17.94 -8.04 26.04
C ARG D 262 18.87 -8.79 25.12
N LEU D 263 20.17 -8.72 25.41
CA LEU D 263 21.17 -9.42 24.62
C LEU D 263 21.56 -10.71 25.32
N PHE D 264 21.11 -11.84 24.80
CA PHE D 264 21.36 -13.14 25.39
C PHE D 264 22.48 -13.84 24.66
N ASP D 265 23.44 -14.37 25.42
CA ASP D 265 24.50 -15.17 24.84
C ASP D 265 24.15 -16.64 25.02
N LEU D 266 24.38 -17.43 23.97
CA LEU D 266 24.12 -18.86 24.03
C LEU D 266 25.01 -19.53 25.07
N ARG D 267 26.31 -19.24 25.01
CA ARG D 267 27.31 -20.04 25.70
C ARG D 267 27.42 -19.63 27.17
N ALA D 268 27.19 -18.35 27.48
CA ALA D 268 27.24 -17.90 28.87
C ALA D 268 25.99 -18.30 29.64
N ASP D 269 24.82 -18.27 28.98
CA ASP D 269 23.49 -18.65 29.48
C ASP D 269 22.97 -17.63 30.50
N GLN D 270 23.31 -16.35 30.34
CA GLN D 270 22.69 -15.26 31.10
C GLN D 270 22.48 -14.09 30.16
N GLU D 271 21.58 -13.19 30.55
CA GLU D 271 21.39 -11.95 29.79
C GLU D 271 22.62 -11.08 29.96
N LEU D 272 23.16 -10.61 28.84
CA LEU D 272 24.36 -9.78 28.90
C LEU D 272 23.99 -8.34 29.19
N MET D 273 23.26 -7.70 28.28
CA MET D 273 22.90 -6.30 28.41
C MET D 273 21.40 -6.15 28.15
N THR D 274 20.80 -5.16 28.80
CA THR D 274 19.43 -4.77 28.54
C THR D 274 19.42 -3.44 27.81
N TYR D 275 18.65 -3.36 26.73
CA TYR D 275 18.58 -2.16 25.92
C TYR D 275 17.27 -1.45 26.24
N SER D 276 17.31 -0.57 27.24
CA SER D 276 16.13 0.14 27.66
C SER D 276 16.51 1.55 28.09
N HIS D 277 15.51 2.43 28.03
CA HIS D 277 15.65 3.79 28.53
C HIS D 277 14.36 4.13 29.28
N ASP D 278 14.40 5.24 30.04
CA ASP D 278 13.24 5.58 30.84
C ASP D 278 12.11 6.14 29.97
N ASN D 279 12.45 6.79 28.86
CA ASN D 279 11.44 7.43 28.04
C ASN D 279 10.64 6.42 27.23
N ILE D 280 11.26 5.28 26.87
CA ILE D 280 10.58 4.34 26.00
C ILE D 280 9.57 3.53 26.80
N ILE D 281 8.35 3.45 26.29
CA ILE D 281 7.26 2.76 26.96
C ILE D 281 6.61 1.69 26.11
N CYS D 282 6.58 1.83 24.78
CA CYS D 282 5.86 0.88 23.95
C CYS D 282 6.69 -0.37 23.72
N GLY D 283 6.07 -1.35 23.05
CA GLY D 283 6.66 -2.67 22.91
C GLY D 283 7.50 -2.78 21.65
N ILE D 284 8.55 -3.61 21.74
CA ILE D 284 9.46 -3.80 20.61
C ILE D 284 8.69 -4.55 19.54
N THR D 285 9.04 -4.37 18.28
CA THR D 285 8.33 -5.14 17.28
C THR D 285 9.25 -5.90 16.33
N SER D 286 10.40 -5.33 15.97
CA SER D 286 11.36 -6.06 15.16
C SER D 286 12.77 -5.66 15.54
N VAL D 287 13.68 -6.63 15.42
CA VAL D 287 15.06 -6.51 15.86
C VAL D 287 15.96 -6.98 14.72
N SER D 288 17.09 -6.29 14.52
CA SER D 288 18.10 -6.71 13.57
C SER D 288 19.46 -6.24 14.05
N PHE D 289 20.51 -6.84 13.51
CA PHE D 289 21.89 -6.49 13.80
C PHE D 289 22.61 -5.97 12.58
N SER D 290 23.64 -5.17 12.82
CA SER D 290 24.59 -4.77 11.78
C SER D 290 25.54 -5.92 11.48
N LYS D 291 26.20 -5.82 10.32
CA LYS D 291 27.13 -6.88 9.91
C LYS D 291 28.30 -6.98 10.86
N SER D 292 28.81 -5.85 11.34
CA SER D 292 29.86 -5.89 12.34
C SER D 292 29.31 -6.24 13.71
N GLY D 293 28.00 -6.10 13.89
CA GLY D 293 27.37 -6.34 15.17
C GLY D 293 27.58 -5.24 16.19
N ARG D 294 28.19 -4.12 15.80
CA ARG D 294 28.36 -3.02 16.74
C ARG D 294 27.02 -2.35 17.04
N LEU D 295 26.17 -2.21 16.04
CA LEU D 295 24.90 -1.51 16.22
C LEU D 295 23.73 -2.46 16.05
N LEU D 296 22.75 -2.33 16.95
CA LEU D 296 21.56 -3.18 16.99
C LEU D 296 20.35 -2.37 16.56
N LEU D 297 19.72 -2.78 15.47
CA LEU D 297 18.45 -2.18 15.11
C LEU D 297 17.37 -2.63 16.08
N ALA D 298 16.34 -1.80 16.24
CA ALA D 298 15.23 -2.07 17.14
C ALA D 298 14.06 -1.21 16.72
N GLY D 299 12.93 -1.83 16.42
CA GLY D 299 11.80 -1.09 15.89
C GLY D 299 10.56 -1.09 16.75
N TYR D 300 10.10 0.09 17.16
CA TYR D 300 9.22 0.16 18.32
C TYR D 300 7.78 0.38 17.85
N ASP D 301 6.89 0.61 18.81
CA ASP D 301 5.59 1.19 18.49
C ASP D 301 5.56 2.71 18.64
N ASP D 302 6.68 3.31 19.05
CA ASP D 302 6.80 4.76 19.18
C ASP D 302 6.97 5.45 17.82
N PHE D 303 6.73 4.75 16.72
CA PHE D 303 6.73 5.18 15.32
C PHE D 303 8.14 5.34 14.78
N ASN D 304 9.18 4.93 15.51
CA ASN D 304 10.55 5.11 15.08
C ASN D 304 11.37 3.87 15.40
N CYS D 305 12.46 3.68 14.65
CA CYS D 305 13.39 2.58 14.87
C CYS D 305 14.60 3.11 15.61
N ASN D 306 14.47 3.31 16.91
CA ASN D 306 15.63 3.67 17.71
C ASN D 306 16.71 2.61 17.61
N VAL D 307 17.85 2.99 17.05
CA VAL D 307 18.92 2.07 16.70
C VAL D 307 19.97 2.12 17.81
N TRP D 308 20.43 0.95 18.23
CA TRP D 308 21.08 0.77 19.51
C TRP D 308 22.52 0.33 19.30
N ASP D 309 23.44 0.97 20.00
CA ASP D 309 24.77 0.41 20.12
C ASP D 309 24.68 -0.89 20.90
N ALA D 310 25.17 -1.98 20.31
CA ALA D 310 25.03 -3.28 20.96
C ALA D 310 25.96 -3.40 22.16
N LEU D 311 27.08 -2.68 22.14
CA LEU D 311 28.09 -2.86 23.16
C LEU D 311 27.92 -1.87 24.31
N LYS D 312 27.55 -0.62 24.00
CA LYS D 312 27.42 0.39 25.05
C LYS D 312 26.08 0.27 25.78
N ALA D 313 25.11 -0.41 25.18
CA ALA D 313 23.70 -0.33 25.57
C ALA D 313 23.21 1.10 25.63
N ASP D 314 23.64 1.91 24.66
CA ASP D 314 23.24 3.31 24.54
C ASP D 314 22.60 3.52 23.19
N ARG D 315 21.52 4.30 23.16
CA ARG D 315 20.97 4.73 21.89
C ARG D 315 21.94 5.72 21.24
N ALA D 316 22.06 5.64 19.92
CA ALA D 316 22.95 6.52 19.18
C ALA D 316 22.36 7.07 17.90
N GLY D 317 21.14 6.69 17.55
CA GLY D 317 20.49 7.24 16.38
C GLY D 317 19.05 6.82 16.34
N VAL D 318 18.27 7.54 15.53
CA VAL D 318 16.83 7.31 15.41
C VAL D 318 16.48 7.30 13.93
N LEU D 319 15.78 6.27 13.49
CA LEU D 319 15.30 6.20 12.12
C LEU D 319 13.85 6.68 12.06
N ALA D 320 13.64 7.90 12.56
CA ALA D 320 12.30 8.48 12.65
C ALA D 320 11.83 8.86 11.27
N GLY D 321 10.95 8.05 10.68
CA GLY D 321 10.35 8.44 9.43
C GLY D 321 8.93 7.96 9.22
N HIS D 322 8.33 7.35 10.25
CA HIS D 322 7.11 6.59 10.06
C HIS D 322 5.94 7.21 10.81
N ASP D 323 4.76 7.09 10.21
CA ASP D 323 3.52 7.63 10.76
C ASP D 323 2.66 6.56 11.42
N ASN D 324 3.22 5.39 11.70
CA ASN D 324 2.56 4.36 12.47
C ASN D 324 3.65 3.51 13.10
N ARG D 325 3.25 2.43 13.78
CA ARG D 325 4.24 1.60 14.46
C ARG D 325 5.04 0.83 13.41
N VAL D 326 6.34 0.73 13.64
CA VAL D 326 7.23 0.07 12.69
C VAL D 326 7.24 -1.41 13.01
N SER D 327 6.88 -2.21 12.02
CA SER D 327 6.58 -3.61 12.28
C SER D 327 7.78 -4.50 11.97
N CYS D 328 8.51 -4.19 10.91
CA CYS D 328 9.53 -5.08 10.37
C CYS D 328 10.82 -4.33 10.08
N LEU D 329 11.96 -4.96 10.40
CA LEU D 329 13.28 -4.40 10.18
C LEU D 329 14.19 -5.46 9.59
N GLY D 330 15.08 -5.04 8.69
CA GLY D 330 16.07 -5.94 8.14
C GLY D 330 17.32 -5.25 7.63
N VAL D 331 18.48 -5.72 8.07
CA VAL D 331 19.77 -5.26 7.58
C VAL D 331 20.22 -6.21 6.48
N THR D 332 20.88 -5.67 5.46
CA THR D 332 21.40 -6.50 4.39
C THR D 332 22.55 -7.37 4.88
N ASP D 333 22.91 -8.37 4.07
CA ASP D 333 23.98 -9.28 4.46
C ASP D 333 25.35 -8.63 4.30
N ASP D 334 25.49 -7.71 3.36
CA ASP D 334 26.75 -6.97 3.27
C ASP D 334 26.76 -5.77 4.21
N GLY D 335 25.61 -5.40 4.74
CA GLY D 335 25.50 -4.30 5.67
C GLY D 335 25.16 -2.97 5.05
N MET D 336 24.83 -2.94 3.76
CA MET D 336 24.63 -1.67 3.06
C MET D 336 23.44 -0.90 3.61
N ALA D 337 22.36 -1.59 3.95
CA ALA D 337 21.08 -0.96 4.10
C ALA D 337 20.38 -1.44 5.37
N VAL D 338 19.39 -0.65 5.80
CA VAL D 338 18.39 -1.06 6.76
C VAL D 338 17.04 -0.68 6.18
N ALA D 339 16.18 -1.66 5.94
CA ALA D 339 14.86 -1.38 5.41
C ALA D 339 13.80 -1.69 6.45
N THR D 340 13.08 -0.68 6.87
CA THR D 340 12.05 -0.83 7.89
C THR D 340 10.70 -0.50 7.25
N GLY D 341 9.74 -1.39 7.42
CA GLY D 341 8.38 -1.11 7.05
C GLY D 341 7.47 -1.00 8.25
N SER D 342 6.27 -0.48 8.03
CA SER D 342 5.43 -0.05 9.15
C SER D 342 3.98 -0.04 8.71
N TRP D 343 3.07 0.18 9.67
CA TRP D 343 1.69 0.33 9.23
C TRP D 343 1.43 1.72 8.64
N ASP D 344 2.47 2.55 8.54
CA ASP D 344 2.47 3.72 7.68
C ASP D 344 2.30 3.32 6.21
N SER D 345 2.57 2.04 5.88
CA SER D 345 2.41 1.34 4.61
C SER D 345 3.54 1.64 3.63
N PHE D 346 4.65 2.17 4.12
CA PHE D 346 5.79 2.48 3.29
C PHE D 346 7.04 1.87 3.90
N LEU D 347 7.76 1.07 3.13
CA LEU D 347 9.09 0.62 3.50
C LEU D 347 10.08 1.71 3.10
N LYS D 348 11.09 1.91 3.91
CA LYS D 348 12.12 2.90 3.62
C LYS D 348 13.47 2.29 3.94
N ILE D 349 14.36 2.25 2.95
CA ILE D 349 15.77 1.95 3.18
C ILE D 349 16.46 3.18 3.73
N TRP D 350 16.95 3.07 4.95
CA TRP D 350 17.93 4.02 5.44
C TRP D 350 19.34 3.49 5.12
N ASN D 351 20.33 4.35 5.36
CA ASN D 351 21.72 3.98 5.06
C ASN D 351 22.67 4.82 5.89
N ILE E 9 1.03 -35.08 37.98
CA ILE E 9 0.72 -35.56 36.63
C ILE E 9 1.99 -36.22 36.06
N ALA E 10 1.79 -37.22 35.21
CA ALA E 10 2.92 -37.97 34.66
C ALA E 10 3.71 -37.14 33.66
N GLN E 11 3.07 -36.17 33.00
CA GLN E 11 3.77 -35.33 32.03
C GLN E 11 4.72 -34.36 32.72
N ALA E 12 4.53 -34.11 34.02
CA ALA E 12 5.48 -33.29 34.76
C ALA E 12 6.82 -33.99 34.92
N ARG E 13 6.80 -35.27 35.33
CA ARG E 13 8.05 -36.01 35.46
C ARG E 13 8.58 -36.43 34.10
N LYS E 14 7.74 -36.40 33.07
CA LYS E 14 8.23 -36.51 31.70
C LYS E 14 8.94 -35.24 31.28
N LEU E 15 8.57 -34.10 31.87
CA LEU E 15 9.24 -32.84 31.58
C LEU E 15 10.51 -32.68 32.41
N VAL E 16 10.62 -33.45 33.50
CA VAL E 16 11.81 -33.40 34.34
C VAL E 16 13.03 -33.87 33.57
N GLU E 17 12.87 -34.88 32.72
CA GLU E 17 13.98 -35.36 31.91
C GLU E 17 14.43 -34.32 30.89
N GLN E 18 13.49 -33.53 30.36
CA GLN E 18 13.84 -32.48 29.40
C GLN E 18 14.63 -31.37 30.07
N LEU E 19 14.17 -30.88 31.22
CA LEU E 19 14.92 -29.86 31.94
C LEU E 19 16.21 -30.41 32.53
N LYS E 20 16.28 -31.72 32.77
CA LYS E 20 17.54 -32.34 33.16
C LYS E 20 18.52 -32.37 31.99
N MET E 21 18.01 -32.58 30.77
CA MET E 21 18.86 -32.52 29.59
C MET E 21 19.33 -31.09 29.35
N GLU E 22 18.45 -30.12 29.54
CA GLU E 22 18.83 -28.71 29.48
C GLU E 22 19.81 -28.35 30.61
N ALA E 23 19.75 -29.07 31.73
CA ALA E 23 20.61 -28.77 32.87
C ALA E 23 22.08 -29.01 32.55
N ASN E 24 22.37 -30.05 31.77
CA ASN E 24 23.75 -30.34 31.39
C ASN E 24 24.23 -29.31 30.38
N ILE E 25 25.16 -28.45 30.80
CA ILE E 25 25.50 -27.25 30.06
C ILE E 25 26.96 -26.90 30.32
N ASP E 26 27.64 -26.35 29.32
CA ASP E 26 28.99 -25.84 29.46
C ASP E 26 28.90 -24.34 29.77
N ARG E 27 28.96 -24.00 31.05
CA ARG E 27 28.80 -22.62 31.49
C ARG E 27 30.10 -21.87 31.34
N ILE E 28 30.02 -20.65 30.79
CA ILE E 28 31.15 -19.77 30.54
C ILE E 28 30.85 -18.42 31.17
N LYS E 29 31.88 -17.82 31.78
CA LYS E 29 31.73 -16.55 32.46
C LYS E 29 31.31 -15.46 31.47
N VAL E 30 30.52 -14.50 31.99
CA VAL E 30 29.97 -13.43 31.17
C VAL E 30 31.09 -12.58 30.57
N SER E 31 32.21 -12.47 31.27
CA SER E 31 33.33 -11.67 30.78
C SER E 31 33.92 -12.24 29.48
N LYS E 32 34.09 -13.56 29.42
CA LYS E 32 34.65 -14.17 28.22
C LYS E 32 33.68 -14.09 27.05
N ALA E 33 32.39 -14.33 27.30
CA ALA E 33 31.40 -14.23 26.23
C ALA E 33 31.29 -12.81 25.72
N ALA E 34 31.31 -11.84 26.63
CA ALA E 34 31.29 -10.43 26.25
C ALA E 34 32.56 -10.05 25.48
N ALA E 35 33.68 -10.67 25.83
CA ALA E 35 34.91 -10.42 25.10
C ALA E 35 34.83 -11.00 23.68
N ASP E 36 34.14 -12.14 23.53
CA ASP E 36 33.89 -12.66 22.18
C ASP E 36 33.03 -11.70 21.37
N LEU E 37 31.99 -11.16 22.00
CA LEU E 37 31.16 -10.13 21.36
C LEU E 37 32.00 -8.91 20.95
N MET E 38 32.83 -8.43 21.87
CA MET E 38 33.63 -7.23 21.63
C MET E 38 34.67 -7.47 20.55
N ALA E 39 35.27 -8.67 20.54
CA ALA E 39 36.29 -8.98 19.56
C ALA E 39 35.70 -9.19 18.17
N TYR E 40 34.46 -9.70 18.10
CA TYR E 40 33.82 -9.81 16.80
C TYR E 40 33.36 -8.45 16.30
N CYS E 41 33.04 -7.53 17.22
CA CYS E 41 32.55 -6.22 16.79
C CYS E 41 33.66 -5.38 16.17
N GLU E 42 34.89 -5.50 16.69
CA GLU E 42 35.99 -4.72 16.12
C GLU E 42 36.48 -5.30 14.80
N ALA E 43 36.30 -6.61 14.61
CA ALA E 43 36.92 -7.28 13.47
C ALA E 43 36.24 -6.94 12.16
N HIS E 44 34.91 -6.80 12.18
CA HIS E 44 34.16 -6.49 10.98
C HIS E 44 33.77 -5.03 10.88
N ALA E 45 34.43 -4.16 11.66
CA ALA E 45 34.13 -2.74 11.59
C ALA E 45 34.53 -2.15 10.24
N LYS E 46 35.52 -2.74 9.59
CA LYS E 46 35.93 -2.28 8.27
C LYS E 46 34.85 -2.54 7.23
N GLU E 47 34.30 -3.76 7.21
CA GLU E 47 33.28 -4.14 6.25
C GLU E 47 31.88 -3.74 6.68
N ASP E 48 31.76 -2.76 7.58
CA ASP E 48 30.45 -2.33 8.07
C ASP E 48 30.07 -1.03 7.37
N PRO E 49 29.09 -1.04 6.46
CA PRO E 49 28.71 0.22 5.80
C PRO E 49 27.99 1.20 6.71
N LEU E 50 27.56 0.77 7.90
CA LEU E 50 26.74 1.64 8.72
C LEU E 50 27.54 2.22 9.88
N LEU E 51 28.53 1.47 10.38
CA LEU E 51 29.42 2.01 11.40
C LEU E 51 30.23 3.18 10.86
N THR E 52 30.76 3.03 9.65
CA THR E 52 31.36 4.14 8.90
C THR E 52 30.65 4.29 7.57
N PRO E 53 30.14 5.48 7.23
CA PRO E 53 29.49 5.66 5.93
C PRO E 53 30.48 5.44 4.79
N VAL E 54 30.09 4.60 3.85
CA VAL E 54 30.89 4.27 2.68
C VAL E 54 30.95 5.51 1.80
N PRO E 55 32.04 5.76 1.08
CA PRO E 55 32.05 6.87 0.11
C PRO E 55 30.97 6.71 -0.95
N ALA E 56 30.42 7.85 -1.37
CA ALA E 56 29.16 7.87 -2.11
C ALA E 56 29.29 7.25 -3.49
N SER E 57 30.51 7.20 -4.04
CA SER E 57 30.72 6.48 -5.29
C SER E 57 30.50 4.99 -5.11
N GLU E 58 31.01 4.42 -4.00
CA GLU E 58 30.81 3.01 -3.75
C GLU E 58 29.41 2.71 -3.28
N ASN E 59 28.73 3.72 -2.72
CA ASN E 59 27.37 3.54 -2.22
C ASN E 59 26.40 3.35 -3.38
N PRO E 60 25.65 2.25 -3.41
CA PRO E 60 24.55 2.13 -4.37
C PRO E 60 23.26 2.79 -3.92
N PHE E 61 23.23 3.39 -2.72
CA PHE E 61 22.08 4.15 -2.27
C PHE E 61 22.41 5.63 -2.16
N VAL F 42 6.73 -23.89 -21.63
CA VAL F 42 6.83 -22.80 -22.58
C VAL F 42 6.85 -23.35 -24.01
N GLN F 43 6.03 -22.77 -24.88
CA GLN F 43 5.92 -23.21 -26.27
C GLN F 43 5.45 -22.06 -27.15
N LEU F 44 6.39 -21.43 -27.84
CA LEU F 44 6.04 -20.36 -28.78
C LEU F 44 5.92 -20.91 -30.19
N VAL F 45 4.69 -21.08 -30.65
CA VAL F 45 4.42 -21.50 -32.02
C VAL F 45 3.95 -20.28 -32.81
N GLU F 46 4.51 -20.09 -34.00
CA GLU F 46 4.22 -18.93 -34.82
C GLU F 46 3.96 -19.34 -36.25
N SER F 47 3.13 -18.56 -36.93
CA SER F 47 2.74 -18.83 -38.30
C SER F 47 2.79 -17.54 -39.11
N GLY F 48 2.56 -17.68 -40.41
CA GLY F 48 2.51 -16.55 -41.32
C GLY F 48 3.54 -16.59 -42.44
N GLY F 49 4.37 -17.62 -42.50
CA GLY F 49 5.40 -17.67 -43.53
C GLY F 49 4.84 -18.08 -44.87
N GLY F 50 5.65 -17.88 -45.91
CA GLY F 50 5.25 -18.25 -47.25
C GLY F 50 5.96 -17.38 -48.27
N LEU F 51 5.45 -17.46 -49.51
CA LEU F 51 5.95 -16.67 -50.61
C LEU F 51 4.92 -15.57 -50.90
N VAL F 52 5.40 -14.32 -50.96
CA VAL F 52 4.54 -13.17 -51.16
C VAL F 52 5.18 -12.27 -52.20
N GLN F 53 4.36 -11.55 -52.96
CA GLN F 53 4.85 -10.70 -54.02
C GLN F 53 5.52 -9.45 -53.44
N PRO F 54 6.59 -8.95 -54.06
CA PRO F 54 7.28 -7.79 -53.49
C PRO F 54 6.48 -6.50 -53.67
N GLY F 55 6.27 -5.81 -52.55
CA GLY F 55 5.24 -4.82 -52.46
C GLY F 55 3.95 -5.32 -51.86
N GLY F 56 3.80 -6.63 -51.65
CA GLY F 56 2.66 -7.17 -50.96
C GLY F 56 2.80 -7.04 -49.46
N SER F 57 1.70 -7.35 -48.76
CA SER F 57 1.62 -7.18 -47.31
C SER F 57 1.34 -8.52 -46.65
N ARG F 58 1.87 -8.72 -45.44
CA ARG F 58 1.68 -9.96 -44.72
C ARG F 58 1.79 -9.72 -43.22
N LYS F 59 0.96 -10.42 -42.45
CA LYS F 59 0.93 -10.29 -41.00
C LYS F 59 1.41 -11.59 -40.36
N LEU F 60 2.59 -11.55 -39.77
CA LEU F 60 3.04 -12.69 -38.98
C LEU F 60 2.28 -12.73 -37.66
N SER F 61 2.10 -13.94 -37.14
CA SER F 61 1.46 -14.14 -35.85
C SER F 61 2.26 -15.14 -35.05
N CYS F 62 2.16 -15.05 -33.73
CA CYS F 62 2.92 -15.90 -32.82
C CYS F 62 2.03 -16.27 -31.63
N SER F 63 1.70 -17.54 -31.51
CA SER F 63 0.76 -18.01 -30.48
C SER F 63 1.57 -18.55 -29.30
N ALA F 64 1.74 -17.70 -28.29
CA ALA F 64 2.38 -18.13 -27.05
C ALA F 64 1.49 -19.11 -26.31
N SER F 65 2.06 -20.20 -25.84
CA SER F 65 1.31 -21.25 -25.17
C SER F 65 2.14 -21.88 -24.06
N GLY F 66 1.99 -21.35 -22.85
CA GLY F 66 2.62 -21.96 -21.70
C GLY F 66 3.20 -21.02 -20.67
N PHE F 67 3.17 -19.72 -20.89
CA PHE F 67 3.75 -18.81 -19.91
C PHE F 67 2.84 -17.61 -19.67
N ALA F 68 3.29 -16.74 -18.77
CA ALA F 68 2.58 -15.51 -18.42
C ALA F 68 2.90 -14.46 -19.49
N PHE F 69 2.35 -14.69 -20.69
CA PHE F 69 2.61 -13.84 -21.85
C PHE F 69 2.22 -12.39 -21.61
N SER F 70 1.29 -12.15 -20.69
CA SER F 70 0.98 -10.79 -20.26
C SER F 70 2.17 -10.12 -19.62
N SER F 71 3.07 -10.89 -19.01
CA SER F 71 4.15 -10.33 -18.23
C SER F 71 5.49 -10.33 -18.95
N PHE F 72 5.53 -10.63 -20.25
CA PHE F 72 6.78 -10.80 -20.96
C PHE F 72 6.91 -9.76 -22.07
N GLY F 73 8.07 -9.12 -22.14
CA GLY F 73 8.41 -8.37 -23.35
C GLY F 73 8.65 -9.32 -24.51
N MET F 74 8.05 -8.98 -25.65
CA MET F 74 8.24 -9.71 -26.91
C MET F 74 9.15 -8.95 -27.84
N HIS F 75 10.06 -9.67 -28.48
CA HIS F 75 10.89 -9.15 -29.55
C HIS F 75 10.53 -9.84 -30.86
N TRP F 76 11.32 -9.55 -31.88
CA TRP F 76 11.34 -10.29 -33.13
C TRP F 76 12.76 -10.19 -33.67
N VAL F 77 13.32 -11.31 -34.10
CA VAL F 77 14.65 -11.33 -34.72
C VAL F 77 14.54 -12.13 -36.01
N ARG F 78 15.11 -11.59 -37.09
CA ARG F 78 15.07 -12.24 -38.40
C ARG F 78 16.45 -12.73 -38.77
N GLN F 79 16.51 -13.63 -39.75
CA GLN F 79 17.75 -14.20 -40.24
C GLN F 79 17.60 -14.54 -41.72
N ALA F 80 18.44 -13.91 -42.56
CA ALA F 80 18.49 -14.27 -43.96
C ALA F 80 19.08 -15.67 -44.11
N PRO F 81 18.68 -16.41 -45.16
CA PRO F 81 19.12 -17.82 -45.26
C PRO F 81 20.63 -18.02 -45.34
N GLU F 82 21.36 -17.06 -45.91
CA GLU F 82 22.81 -17.17 -46.00
C GLU F 82 23.52 -16.23 -45.04
N LYS F 83 22.78 -15.42 -44.27
CA LYS F 83 23.37 -14.39 -43.44
C LYS F 83 22.96 -14.63 -41.98
N GLY F 84 23.48 -13.78 -41.11
CA GLY F 84 23.23 -13.92 -39.69
C GLY F 84 21.91 -13.31 -39.27
N LEU F 85 21.72 -13.29 -37.94
CA LEU F 85 20.53 -12.71 -37.35
C LEU F 85 20.60 -11.19 -37.38
N GLU F 86 19.44 -10.53 -37.34
CA GLU F 86 19.38 -9.10 -37.06
C GLU F 86 17.97 -8.75 -36.57
N TRP F 87 17.92 -7.83 -35.61
CA TRP F 87 16.70 -7.49 -34.88
C TRP F 87 15.62 -6.88 -35.77
N VAL F 88 14.37 -7.00 -35.34
CA VAL F 88 13.22 -6.50 -36.09
C VAL F 88 12.42 -5.50 -35.26
N ALA F 89 11.94 -5.89 -34.09
CA ALA F 89 11.05 -5.04 -33.33
C ALA F 89 11.09 -5.47 -31.88
N TYR F 90 10.34 -4.76 -31.04
CA TYR F 90 10.23 -5.06 -29.62
C TYR F 90 9.01 -4.37 -29.05
N ILE F 91 8.03 -5.15 -28.60
CA ILE F 91 6.89 -4.63 -27.88
C ILE F 91 7.06 -4.99 -26.42
N SER F 92 6.80 -4.04 -25.53
CA SER F 92 7.00 -4.28 -24.11
C SER F 92 5.85 -5.08 -23.53
N SER F 93 5.89 -5.28 -22.22
CA SER F 93 4.83 -6.03 -21.56
C SER F 93 3.53 -5.25 -21.58
N GLY F 94 2.60 -5.67 -22.44
CA GLY F 94 1.35 -4.97 -22.56
C GLY F 94 1.41 -3.70 -23.38
N SER F 95 2.31 -3.62 -24.36
CA SER F 95 2.45 -2.52 -25.31
C SER F 95 2.76 -1.18 -24.65
N GLY F 96 3.50 -1.19 -23.55
CA GLY F 96 3.86 0.07 -22.90
C GLY F 96 4.93 0.83 -23.65
N THR F 97 5.75 0.13 -24.44
CA THR F 97 6.88 0.71 -25.15
C THR F 97 7.18 -0.14 -26.37
N ILE F 98 7.20 0.48 -27.55
CA ILE F 98 7.39 -0.23 -28.81
C ILE F 98 8.53 0.42 -29.57
N TYR F 99 9.48 -0.39 -30.02
CA TYR F 99 10.53 0.06 -30.91
C TYR F 99 10.45 -0.69 -32.23
N TYR F 100 11.26 -0.29 -33.20
CA TYR F 100 11.37 -0.98 -34.47
C TYR F 100 12.80 -0.89 -34.97
N ALA F 101 13.09 -1.66 -36.01
CA ALA F 101 14.40 -1.61 -36.64
C ALA F 101 14.42 -0.49 -37.67
N ASP F 102 15.54 0.23 -37.72
CA ASP F 102 15.63 1.42 -38.57
C ASP F 102 15.58 1.06 -40.04
N THR F 103 15.91 -0.19 -40.39
CA THR F 103 15.79 -0.62 -41.77
C THR F 103 14.32 -0.72 -42.19
N VAL F 104 13.43 -0.97 -41.24
CA VAL F 104 12.01 -1.14 -41.52
C VAL F 104 11.15 -0.27 -40.58
N LYS F 105 11.71 0.82 -40.07
CA LYS F 105 10.96 1.70 -39.16
C LYS F 105 9.79 2.33 -39.89
N GLY F 106 8.61 2.19 -39.31
CA GLY F 106 7.41 2.80 -39.82
C GLY F 106 6.71 2.01 -40.90
N ARG F 107 7.35 1.00 -41.46
CA ARG F 107 6.72 0.14 -42.45
C ARG F 107 6.26 -1.17 -41.86
N PHE F 108 6.87 -1.61 -40.77
CA PHE F 108 6.46 -2.77 -40.01
C PHE F 108 5.57 -2.26 -38.88
N THR F 109 4.56 -3.03 -38.49
CA THR F 109 3.81 -2.75 -37.27
C THR F 109 3.69 -4.02 -36.45
N ILE F 110 3.85 -3.88 -35.14
CA ILE F 110 3.77 -4.99 -34.19
C ILE F 110 2.54 -4.76 -33.32
N SER F 111 1.93 -5.85 -32.85
CA SER F 111 0.72 -5.78 -32.03
C SER F 111 0.55 -7.08 -31.26
N ARG F 112 0.36 -6.98 -29.95
CA ARG F 112 0.12 -8.15 -29.11
C ARG F 112 -1.36 -8.21 -28.74
N ASP F 113 -1.92 -9.43 -28.81
CA ASP F 113 -3.30 -9.69 -28.38
C ASP F 113 -3.22 -10.34 -27.01
N ASP F 114 -3.09 -9.50 -25.98
CA ASP F 114 -2.70 -9.98 -24.66
C ASP F 114 -3.71 -10.94 -24.01
N PRO F 115 -5.02 -10.69 -23.97
CA PRO F 115 -5.92 -11.73 -23.44
C PRO F 115 -5.96 -12.97 -24.31
N LYS F 116 -5.77 -12.82 -25.62
CA LYS F 116 -5.77 -13.97 -26.51
C LYS F 116 -4.45 -14.74 -26.45
N ASN F 117 -3.41 -14.15 -25.84
CA ASN F 117 -2.06 -14.70 -25.78
C ASN F 117 -1.50 -14.97 -27.18
N THR F 118 -1.46 -13.93 -28.00
CA THR F 118 -1.03 -14.05 -29.39
C THR F 118 -0.27 -12.80 -29.79
N LEU F 119 0.92 -13.00 -30.37
CA LEU F 119 1.79 -11.91 -30.78
C LEU F 119 1.75 -11.79 -32.30
N PHE F 120 1.51 -10.58 -32.80
CA PHE F 120 1.48 -10.32 -34.23
C PHE F 120 2.67 -9.49 -34.66
N LEU F 121 3.02 -9.59 -35.94
CA LEU F 121 3.81 -8.58 -36.63
C LEU F 121 3.18 -8.37 -37.99
N GLN F 122 2.73 -7.15 -38.25
CA GLN F 122 2.10 -6.79 -39.52
C GLN F 122 3.14 -6.10 -40.39
N MET F 123 3.30 -6.60 -41.61
CA MET F 123 4.28 -6.08 -42.55
C MET F 123 3.56 -5.65 -43.81
N THR F 124 3.98 -4.50 -44.35
CA THR F 124 3.40 -3.92 -45.55
C THR F 124 4.49 -3.66 -46.56
N SER F 125 4.20 -3.99 -47.83
CA SER F 125 5.04 -3.66 -48.98
C SER F 125 6.47 -4.19 -48.81
N LEU F 126 6.58 -5.52 -48.76
CA LEU F 126 7.86 -6.15 -48.45
C LEU F 126 8.86 -5.97 -49.57
N ARG F 127 10.10 -5.66 -49.21
CA ARG F 127 11.18 -5.40 -50.14
C ARG F 127 11.97 -6.69 -50.36
N SER F 128 13.10 -6.58 -51.08
CA SER F 128 13.91 -7.76 -51.37
C SER F 128 14.81 -8.11 -50.20
N GLU F 129 14.91 -7.22 -49.22
CA GLU F 129 15.75 -7.49 -48.05
C GLU F 129 15.02 -8.29 -47.00
N ASP F 130 13.77 -8.67 -47.27
CA ASP F 130 12.94 -9.40 -46.31
C ASP F 130 12.78 -10.87 -46.65
N THR F 131 13.69 -11.44 -47.45
CA THR F 131 13.84 -12.89 -47.54
C THR F 131 14.57 -13.33 -46.29
N ALA F 132 13.82 -13.66 -45.25
CA ALA F 132 14.42 -14.04 -43.98
C ALA F 132 13.43 -14.88 -43.20
N MET F 133 13.93 -15.50 -42.14
CA MET F 133 13.10 -16.32 -41.28
C MET F 133 13.05 -15.71 -39.89
N TYR F 134 11.86 -15.69 -39.29
CA TYR F 134 11.54 -14.76 -38.21
C TYR F 134 11.26 -15.50 -36.91
N TYR F 135 11.86 -15.03 -35.82
CA TYR F 135 11.78 -15.70 -34.54
C TYR F 135 11.04 -14.86 -33.50
N CYS F 136 10.20 -15.53 -32.71
CA CYS F 136 9.59 -14.95 -31.51
C CYS F 136 10.56 -15.10 -30.36
N VAL F 137 10.72 -14.04 -29.57
CA VAL F 137 11.72 -14.01 -28.51
C VAL F 137 11.07 -13.53 -27.23
N ARG F 138 10.91 -14.41 -26.26
CA ARG F 138 10.66 -13.98 -24.89
C ARG F 138 11.78 -13.10 -24.38
N SER F 139 11.41 -12.12 -23.59
CA SER F 139 12.35 -11.42 -22.74
C SER F 139 11.58 -10.83 -21.58
N ILE F 140 12.21 -10.77 -20.42
CA ILE F 140 11.60 -10.18 -19.25
C ILE F 140 12.69 -9.49 -18.47
N TYR F 141 12.39 -8.30 -17.97
CA TYR F 141 13.42 -7.45 -17.37
C TYR F 141 13.04 -7.13 -15.94
N TYR F 142 13.91 -7.53 -15.03
CA TYR F 142 13.98 -7.06 -13.66
C TYR F 142 15.35 -7.46 -13.16
N TYR F 143 15.64 -7.13 -11.91
CA TYR F 143 16.97 -7.44 -11.40
C TYR F 143 17.16 -8.94 -11.30
N GLY F 144 18.16 -9.45 -12.00
CA GLY F 144 18.44 -10.87 -12.02
C GLY F 144 17.84 -11.62 -13.18
N SER F 145 17.01 -10.97 -13.99
CA SER F 145 16.29 -11.68 -15.03
C SER F 145 17.22 -12.07 -16.17
N SER F 146 16.70 -12.96 -17.03
CA SER F 146 17.46 -13.50 -18.17
C SER F 146 16.67 -13.24 -19.45
N PRO F 147 16.81 -12.08 -20.06
CA PRO F 147 16.13 -11.82 -21.33
C PRO F 147 16.71 -12.64 -22.46
N PHE F 148 15.95 -12.70 -23.55
CA PHE F 148 16.28 -13.43 -24.78
C PHE F 148 16.54 -14.90 -24.54
N ASP F 149 15.84 -15.52 -23.59
CA ASP F 149 16.15 -16.89 -23.23
C ASP F 149 15.44 -17.90 -24.11
N PHE F 150 14.13 -17.72 -24.34
CA PHE F 150 13.36 -18.68 -25.11
C PHE F 150 13.00 -18.10 -26.46
N TRP F 151 13.28 -18.86 -27.51
CA TRP F 151 13.07 -18.45 -28.88
C TRP F 151 12.09 -19.39 -29.55
N GLY F 152 11.24 -18.85 -30.40
CA GLY F 152 10.28 -19.66 -31.10
C GLY F 152 10.93 -20.54 -32.16
N GLN F 153 10.10 -21.39 -32.77
CA GLN F 153 10.62 -22.31 -33.78
C GLN F 153 11.00 -21.58 -35.05
N GLY F 154 10.45 -20.40 -35.26
CA GLY F 154 10.83 -19.58 -36.39
C GLY F 154 10.12 -19.99 -37.66
N THR F 155 9.55 -18.99 -38.35
CA THR F 155 8.85 -19.21 -39.61
C THR F 155 9.64 -18.56 -40.74
N THR F 156 9.64 -19.19 -41.91
CA THR F 156 10.45 -18.75 -43.03
C THR F 156 9.60 -17.92 -43.98
N LEU F 157 10.09 -16.74 -44.35
CA LEU F 157 9.36 -15.85 -45.24
C LEU F 157 10.25 -15.45 -46.42
N THR F 158 9.74 -15.65 -47.64
CA THR F 158 10.44 -15.31 -48.86
C THR F 158 9.58 -14.38 -49.70
N VAL F 159 10.21 -13.38 -50.32
CA VAL F 159 9.54 -12.52 -51.28
C VAL F 159 9.96 -12.99 -52.68
N SER F 160 9.06 -12.83 -53.65
CA SER F 160 9.30 -13.36 -54.98
C SER F 160 10.21 -12.43 -55.78
N SER F 161 10.53 -12.87 -56.99
CA SER F 161 11.38 -12.09 -57.87
C SER F 161 11.03 -12.33 -59.35
N SER F 176 26.19 5.34 -36.22
CA SER F 176 25.45 5.98 -35.14
C SER F 176 25.10 4.96 -34.05
N ASP F 177 24.77 3.74 -34.47
CA ASP F 177 24.40 2.67 -33.55
C ASP F 177 25.57 1.69 -33.44
N ILE F 178 25.44 0.75 -32.51
CA ILE F 178 26.52 -0.20 -32.27
C ILE F 178 26.60 -1.17 -33.43
N VAL F 179 27.79 -1.66 -33.72
CA VAL F 179 27.98 -2.71 -34.71
C VAL F 179 28.77 -3.85 -34.07
N MET F 180 28.38 -5.08 -34.37
CA MET F 180 29.03 -6.27 -33.86
C MET F 180 29.95 -6.85 -34.94
N THR F 181 31.20 -7.09 -34.58
CA THR F 181 32.20 -7.63 -35.50
C THR F 181 32.54 -9.05 -35.10
N GLN F 182 32.44 -9.98 -36.04
CA GLN F 182 32.76 -11.37 -35.78
C GLN F 182 34.26 -11.56 -35.63
N ALA F 183 34.65 -12.71 -35.07
CA ALA F 183 36.05 -13.09 -35.10
C ALA F 183 36.42 -13.71 -36.44
N THR F 184 35.71 -14.77 -36.82
CA THR F 184 36.02 -15.50 -38.04
C THR F 184 34.78 -16.22 -38.51
N SER F 185 34.83 -16.68 -39.76
CA SER F 185 33.70 -17.41 -40.33
C SER F 185 33.50 -18.76 -39.67
N SER F 186 34.58 -19.48 -39.38
CA SER F 186 34.47 -20.82 -38.84
C SER F 186 35.72 -21.20 -38.08
N VAL F 187 35.57 -22.19 -37.20
CA VAL F 187 36.64 -22.80 -36.42
C VAL F 187 36.51 -24.31 -36.64
N PRO F 188 37.59 -25.04 -36.91
CA PRO F 188 37.46 -26.50 -37.00
C PRO F 188 37.36 -27.16 -35.64
N VAL F 189 36.60 -28.25 -35.59
CA VAL F 189 36.07 -28.80 -34.35
C VAL F 189 36.71 -30.16 -34.08
N THR F 190 37.01 -30.43 -32.81
CA THR F 190 37.24 -31.78 -32.31
C THR F 190 36.70 -31.87 -30.89
N PRO F 191 35.93 -32.91 -30.57
CA PRO F 191 35.30 -33.00 -29.24
C PRO F 191 36.33 -33.12 -28.13
N GLY F 192 36.04 -32.47 -27.01
CA GLY F 192 36.89 -32.50 -25.84
C GLY F 192 37.94 -31.41 -25.77
N GLU F 193 38.15 -30.66 -26.85
CA GLU F 193 39.19 -29.65 -26.90
C GLU F 193 38.58 -28.27 -26.68
N SER F 194 39.14 -27.52 -25.74
CA SER F 194 38.62 -26.19 -25.44
C SER F 194 38.90 -25.23 -26.58
N VAL F 195 37.94 -24.35 -26.84
CA VAL F 195 38.02 -23.36 -27.91
C VAL F 195 37.37 -22.09 -27.41
N SER F 196 37.80 -20.94 -27.95
CA SER F 196 37.27 -19.66 -27.54
C SER F 196 36.77 -18.89 -28.75
N ILE F 197 35.60 -18.28 -28.59
CA ILE F 197 34.90 -17.55 -29.64
C ILE F 197 34.73 -16.12 -29.18
N SER F 198 35.12 -15.17 -30.02
CA SER F 198 35.22 -13.78 -29.61
C SER F 198 34.41 -12.86 -30.51
N CYS F 199 33.94 -11.76 -29.92
CA CYS F 199 33.33 -10.64 -30.65
C CYS F 199 33.93 -9.33 -30.17
N ARG F 200 33.77 -8.30 -30.98
CA ARG F 200 34.18 -6.95 -30.63
C ARG F 200 33.06 -5.99 -30.97
N SER F 201 32.97 -4.90 -30.23
CA SER F 201 31.93 -3.91 -30.41
C SER F 201 32.54 -2.55 -30.71
N SER F 202 31.74 -1.68 -31.33
CA SER F 202 32.19 -0.31 -31.58
C SER F 202 32.32 0.48 -30.29
N LYS F 203 31.31 0.41 -29.43
CA LYS F 203 31.31 1.10 -28.15
C LYS F 203 31.44 0.08 -27.03
N SER F 204 32.05 0.50 -25.92
CA SER F 204 32.07 -0.33 -24.73
C SER F 204 30.65 -0.55 -24.23
N LEU F 205 30.37 -1.76 -23.78
CA LEU F 205 29.03 -2.14 -23.38
C LEU F 205 28.82 -2.10 -21.87
N LEU F 206 29.88 -2.02 -21.09
CA LEU F 206 29.77 -1.97 -19.64
C LEU F 206 29.18 -0.62 -19.25
N HIS F 207 27.90 -0.61 -18.90
CA HIS F 207 27.20 0.57 -18.45
C HIS F 207 27.66 0.94 -17.03
N SER F 208 27.16 2.07 -16.53
CA SER F 208 27.42 2.48 -15.15
C SER F 208 26.82 1.50 -14.15
N ASN F 209 25.86 0.67 -14.59
CA ASN F 209 25.33 -0.40 -13.75
C ASN F 209 26.39 -1.40 -13.35
N GLY F 210 27.45 -1.56 -14.13
CA GLY F 210 28.28 -2.74 -14.07
C GLY F 210 27.79 -3.85 -14.96
N ASN F 211 26.63 -3.65 -15.59
CA ASN F 211 25.97 -4.69 -16.37
C ASN F 211 26.39 -4.59 -17.82
N THR F 212 27.35 -5.42 -18.22
CA THR F 212 27.79 -5.47 -19.60
C THR F 212 26.73 -6.20 -20.43
N TYR F 213 26.03 -5.46 -21.30
CA TYR F 213 24.90 -6.03 -22.02
C TYR F 213 25.40 -6.79 -23.26
N LEU F 214 26.06 -7.91 -23.00
CA LEU F 214 26.47 -8.85 -24.04
C LEU F 214 25.70 -10.15 -23.91
N TYR F 215 25.05 -10.57 -24.99
CA TYR F 215 24.38 -11.86 -25.03
C TYR F 215 25.14 -12.80 -25.95
N TRP F 216 24.82 -14.09 -25.85
CA TRP F 216 25.44 -15.14 -26.64
C TRP F 216 24.39 -16.18 -26.96
N PHE F 217 24.46 -16.75 -28.16
CA PHE F 217 23.42 -17.65 -28.62
C PHE F 217 24.02 -18.84 -29.36
N LEU F 218 23.13 -19.71 -29.83
CA LEU F 218 23.48 -20.88 -30.62
C LEU F 218 22.27 -21.38 -31.39
N GLN F 219 22.36 -21.30 -32.71
CA GLN F 219 21.36 -21.89 -33.59
C GLN F 219 21.95 -23.18 -34.12
N ARG F 220 21.36 -24.31 -33.70
CA ARG F 220 21.75 -25.61 -34.22
C ARG F 220 21.44 -25.70 -35.71
N PRO F 221 22.16 -26.56 -36.43
CA PRO F 221 21.80 -26.82 -37.83
C PRO F 221 20.38 -27.34 -37.96
N GLY F 222 19.52 -26.53 -38.59
CA GLY F 222 18.13 -26.90 -38.78
C GLY F 222 17.26 -26.78 -37.55
N GLN F 223 17.66 -25.98 -36.56
CA GLN F 223 16.86 -25.80 -35.37
C GLN F 223 16.82 -24.33 -34.96
N SER F 224 16.14 -24.08 -33.85
CA SER F 224 15.95 -22.75 -33.30
C SER F 224 17.16 -22.32 -32.48
N PRO F 225 17.30 -21.03 -32.18
CA PRO F 225 18.37 -20.60 -31.29
C PRO F 225 18.01 -20.78 -29.82
N GLN F 226 18.99 -20.50 -28.97
CA GLN F 226 18.82 -20.53 -27.53
C GLN F 226 19.79 -19.52 -26.95
N LEU F 227 19.77 -19.37 -25.63
CA LEU F 227 20.62 -18.41 -24.95
C LEU F 227 21.66 -19.17 -24.14
N LEU F 228 22.91 -18.69 -24.19
CA LEU F 228 24.05 -19.34 -23.54
C LEU F 228 24.64 -18.49 -22.45
N ILE F 229 25.02 -17.25 -22.77
CA ILE F 229 25.54 -16.31 -21.80
C ILE F 229 24.80 -15.01 -21.98
N TYR F 230 24.01 -14.62 -20.98
CA TYR F 230 23.31 -13.35 -21.00
C TYR F 230 24.02 -12.38 -20.07
N ARG F 231 24.12 -11.13 -20.52
CA ARG F 231 24.80 -10.05 -19.82
C ARG F 231 26.25 -10.37 -19.52
N MET F 232 26.91 -11.03 -20.47
CA MET F 232 28.35 -11.21 -20.65
C MET F 232 28.99 -12.14 -19.63
N SER F 233 28.29 -12.56 -18.58
CA SER F 233 28.92 -13.43 -17.60
C SER F 233 27.99 -14.56 -17.17
N ASN F 234 26.69 -14.30 -17.24
CA ASN F 234 25.72 -15.12 -16.54
C ASN F 234 25.23 -16.26 -17.41
N LEU F 235 25.20 -17.45 -16.85
CA LEU F 235 24.79 -18.64 -17.58
C LEU F 235 23.26 -18.75 -17.61
N ALA F 236 22.73 -19.21 -18.72
CA ALA F 236 21.29 -19.38 -18.85
C ALA F 236 20.87 -20.67 -18.16
N SER F 237 19.58 -21.00 -18.23
CA SER F 237 19.04 -22.19 -17.60
C SER F 237 18.66 -23.19 -18.68
N GLY F 238 18.95 -24.46 -18.42
CA GLY F 238 18.77 -25.50 -19.39
C GLY F 238 19.99 -25.79 -20.24
N VAL F 239 21.07 -25.06 -20.04
CA VAL F 239 22.30 -25.26 -20.80
C VAL F 239 23.35 -25.82 -19.84
N PRO F 240 24.30 -26.62 -20.31
CA PRO F 240 25.30 -27.19 -19.41
C PRO F 240 26.28 -26.14 -18.90
N ASP F 241 26.95 -26.47 -17.79
CA ASP F 241 27.76 -25.49 -17.09
C ASP F 241 29.14 -25.31 -17.69
N ARG F 242 29.44 -26.02 -18.79
CA ARG F 242 30.77 -25.93 -19.38
C ARG F 242 31.02 -24.55 -19.99
N PHE F 243 29.96 -23.90 -20.47
CA PHE F 243 30.10 -22.59 -21.10
C PHE F 243 30.44 -21.52 -20.07
N SER F 244 31.04 -20.44 -20.53
CA SER F 244 31.31 -19.28 -19.71
C SER F 244 31.54 -18.08 -20.62
N GLY F 245 31.56 -16.90 -20.01
CA GLY F 245 31.83 -15.69 -20.77
C GLY F 245 32.74 -14.74 -20.02
N SER F 246 33.84 -14.36 -20.66
CA SER F 246 34.76 -13.37 -20.12
C SER F 246 34.78 -12.17 -21.06
N GLY F 247 34.53 -10.98 -20.51
CA GLY F 247 34.40 -9.80 -21.32
C GLY F 247 35.13 -8.62 -20.72
N SER F 248 35.26 -7.57 -21.52
CA SER F 248 35.86 -6.31 -21.11
C SER F 248 35.12 -5.17 -21.77
N GLY F 249 35.70 -3.98 -21.78
CA GLY F 249 35.15 -2.92 -22.62
C GLY F 249 35.36 -3.25 -24.07
N THR F 250 34.29 -3.66 -24.76
CA THR F 250 34.18 -4.06 -26.16
C THR F 250 34.96 -5.33 -26.49
N ALA F 251 35.64 -5.96 -25.54
CA ALA F 251 36.46 -7.14 -25.79
C ALA F 251 35.78 -8.35 -25.16
N PHE F 252 35.20 -9.21 -26.00
CA PHE F 252 34.29 -10.25 -25.58
C PHE F 252 34.77 -11.60 -26.07
N THR F 253 34.67 -12.62 -25.21
CA THR F 253 35.07 -13.99 -25.52
C THR F 253 34.10 -14.99 -24.91
N LEU F 254 33.71 -16.00 -25.71
CA LEU F 254 32.95 -17.14 -25.20
C LEU F 254 33.93 -18.27 -24.91
N THR F 255 34.12 -18.58 -23.62
CA THR F 255 35.14 -19.54 -23.20
C THR F 255 34.51 -20.90 -22.93
N ILE F 256 34.01 -21.53 -24.00
CA ILE F 256 33.52 -22.89 -23.88
C ILE F 256 34.68 -23.85 -23.65
N SER F 257 34.56 -24.67 -22.60
CA SER F 257 35.52 -25.71 -22.29
C SER F 257 34.82 -27.06 -22.39
N ARG F 258 35.62 -28.10 -22.65
CA ARG F 258 35.12 -29.46 -22.90
C ARG F 258 34.06 -29.46 -24.00
N LEU F 259 34.49 -29.08 -25.19
CA LEU F 259 33.61 -29.07 -26.35
C LEU F 259 33.10 -30.48 -26.66
N GLU F 260 31.80 -30.59 -26.92
CA GLU F 260 31.17 -31.88 -27.17
C GLU F 260 30.35 -31.79 -28.45
N ALA F 261 29.77 -32.93 -28.83
CA ALA F 261 28.78 -32.95 -29.89
C ALA F 261 27.50 -32.30 -29.42
N GLU F 262 26.66 -31.89 -30.38
CA GLU F 262 25.44 -31.09 -30.28
C GLU F 262 25.73 -29.63 -29.93
N ASP F 263 26.98 -29.28 -29.65
CA ASP F 263 27.44 -27.91 -29.63
C ASP F 263 27.86 -27.44 -31.01
N VAL F 264 27.78 -28.31 -32.01
CA VAL F 264 28.05 -27.94 -33.39
C VAL F 264 26.95 -27.02 -33.88
N GLY F 265 27.32 -25.99 -34.62
CA GLY F 265 26.39 -24.94 -34.99
C GLY F 265 27.12 -23.62 -35.04
N VAL F 266 26.36 -22.56 -35.26
CA VAL F 266 26.91 -21.21 -35.38
C VAL F 266 26.55 -20.43 -34.12
N TYR F 267 27.53 -19.73 -33.55
CA TYR F 267 27.27 -18.92 -32.38
C TYR F 267 26.95 -17.50 -32.82
N TYR F 268 26.17 -16.79 -32.01
CA TYR F 268 25.82 -15.41 -32.28
C TYR F 268 25.96 -14.58 -31.01
N CYS F 269 26.48 -13.37 -31.16
CA CYS F 269 26.64 -12.43 -30.06
C CYS F 269 25.78 -11.22 -30.34
N MET F 270 25.21 -10.67 -29.27
CA MET F 270 24.28 -9.56 -29.36
C MET F 270 24.60 -8.53 -28.30
N GLN F 271 24.24 -7.29 -28.57
CA GLN F 271 24.32 -6.21 -27.59
C GLN F 271 22.90 -5.81 -27.22
N HIS F 272 22.70 -5.40 -25.97
CA HIS F 272 21.40 -4.90 -25.54
C HIS F 272 21.49 -3.51 -24.91
N LEU F 273 22.55 -2.76 -25.21
CA LEU F 273 22.73 -1.46 -24.57
C LEU F 273 21.74 -0.43 -25.10
N GLU F 274 21.36 -0.54 -26.37
CA GLU F 274 20.54 0.47 -27.00
C GLU F 274 19.93 -0.11 -28.27
N TYR F 275 19.07 0.59 -28.83
CA TYR F 275 18.34 0.04 -29.94
C TYR F 275 18.75 0.74 -31.25
N PRO F 276 18.95 0.01 -32.35
CA PRO F 276 18.69 -1.42 -32.60
C PRO F 276 19.62 -2.43 -31.92
N LEU F 277 19.13 -3.66 -31.83
CA LEU F 277 19.92 -4.76 -31.33
C LEU F 277 20.69 -5.39 -32.48
N THR F 278 22.01 -5.40 -32.39
CA THR F 278 22.85 -5.79 -33.51
C THR F 278 23.55 -7.10 -33.20
N PHE F 279 23.60 -7.97 -34.21
CA PHE F 279 24.14 -9.32 -34.08
C PHE F 279 25.45 -9.41 -34.85
N GLY F 280 26.41 -10.12 -34.27
CA GLY F 280 27.59 -10.47 -35.04
C GLY F 280 27.31 -11.57 -36.03
N ALA F 281 28.26 -11.78 -36.93
CA ALA F 281 28.20 -12.99 -37.75
C ALA F 281 28.54 -14.22 -36.91
N GLY F 282 29.35 -14.03 -35.88
CA GLY F 282 29.77 -15.11 -35.00
C GLY F 282 30.63 -16.12 -35.73
N THR F 283 30.80 -17.28 -35.10
CA THR F 283 31.56 -18.37 -35.67
C THR F 283 30.70 -19.62 -35.73
N LYS F 284 30.99 -20.49 -36.68
CA LYS F 284 30.41 -21.82 -36.73
C LYS F 284 31.50 -22.84 -36.42
N LEU F 285 31.27 -23.67 -35.42
CA LEU F 285 32.27 -24.63 -35.00
C LEU F 285 32.11 -25.93 -35.79
N GLU F 286 32.87 -26.06 -36.87
CA GLU F 286 32.77 -27.24 -37.71
C GLU F 286 34.09 -27.46 -38.42
N LEU F 287 34.48 -28.73 -38.53
CA LEU F 287 35.75 -29.13 -39.14
C LEU F 287 35.66 -29.03 -40.66
#